data_8YWH
#
_entry.id   8YWH
#
_cell.length_a   1.00
_cell.length_b   1.00
_cell.length_c   1.00
_cell.angle_alpha   90.00
_cell.angle_beta   90.00
_cell.angle_gamma   90.00
#
_symmetry.space_group_name_H-M   'P 1'
#
loop_
_entity.id
_entity.type
_entity.pdbx_description
1 polymer 'sCas9 (Compact SaCas9)'
2 polymer sgRNA
3 polymer 'Target DNA'
4 polymer 'Non-target DNA'
#
loop_
_entity_poly.entity_id
_entity_poly.type
_entity_poly.pdbx_seq_one_letter_code
_entity_poly.pdbx_strand_id
1 'polypeptide(L)'
;MKRNYILGLAIGITSVGYGIIDYETRDVIDAGVRLFKEANVENNEGRRSKRGARRLKRRRRHRIQRVKKLLFDYNLLTDH
SELSGINPYEARVKGLSQKLSEEEFSAALLHLAKRRGVHNVNEVEEDTGNELSTKEQISRNSKALEEKYVAELQLERLKK
DGEVRGSINRFKTSDYVKEAKQLLKVQKAYHQLDQSFIDTYIDLLETRRTYYEGPGEGSPFGWKDIKEWYEMLMGHCTYF
PEELRSVKYAYNADLYNALNDLNNLVITRDENEKLEYYEKFQIIENVFKQKKKPTLKQIAKEILVNEEDIKGYRVTSTGK
PEFTNLKVYHDIKDITARKEIIENAELLDQIAKILTIYQSSEDIQEELTNLNSELTQEEIEQISNLKGYTGTHNLSLKAI
NLILDELWHTNDNQIAIFNRLKLVPKKVDLSQQKEIPTTLVDDFILSPVVKRSFIQSIKVINAIIKKYGLPNDIIIELAR
GGSYATRGLMNLLRSYFRVNNLDVKVKSINGGFTSFLRRKWKFKKERNKGYKHHAEDALIIANADFIFKEWKKLDKAKKV
MENQMFEEKQAESMPEIETEQEYKEIFITPHQIKHIKDFKDYKYSHRVDKKPNRELINDTLYSTRKDDKGNTLIVNNLNG
LYDKDNDKLKKLINKSPEKLLMYHHDPQTYQKLKLIMEQYGDEKNPLYKYYEETGNYLTKYSKKDNGPVIKKIKYYGNKL
NAHLDITDDYPNSRNKVVKLSLKPYRFDVYLDNGVYKFVTVKNLDVIKKENYYEVNSKCYEEAKKLKKISNQAEFIASFY
NNDLIKINGELYRVIGVNNDLLNRIEVNMIDITYREYLENMNDKRPPRIIKTIASKTQSIKKYSTDILGNLYEVKSKKHP
QIIKKG
;
A
2 'polyribonucleotide'
;GAUCUGAGUCCGGUAGCGCUAGUUUUAGUACUCUGGAAACAGAAUCUACUAAAACAAGGCAAAAUGCCGUGUUUAUCUCG
UCAACUUGUUGGCGAGAU
;
B
3 'polydeoxyribonucleotide'
;(DG)(DA)(DA)(DC)(DC)(DG)(DT)(DC)(DA)(DG)(DA)(DT)(DC)(DC)(DG)(DC)(DT)(DA)(DG)(DC)
(DG)(DC)(DT)(DA)(DC)(DC)(DG)(DG)(DA)(DC)(DT)(DC)(DA)(DG)(DA)(DT)(DC)(DT)(DC)(DG)
(DA)(DG)(DT)(DT)(DC)(DA)(DA)(DG)(DC)(DT)(DT)(DC)(DG)(DA)(DA)(DT)(DT)(DC)(DT)
;
C
4 'polydeoxyribonucleotide'
;(DA)(DG)(DA)(DA)(DT)(DT)(DC)(DG)(DA)(DA)(DG)(DC)(DT)(DT)(DG)(DA)(DA)(DC)(DT)(DC)
(DG)(DA)(DG)(DA)(DT)(DC)(DT)(DG)(DA)(DG)(DT)(DC)(DC)(DG)(DG)(DT)(DA)(DG)(DC)(DG)
(DC)(DT)(DA)(DG)(DC)(DG)(DG)(DA)(DT)(DC)(DT)(DG)(DA)(DC)(DG)(DG)(DT)(DT)(DC)
;
D
#
# COMPACT_ATOMS: atom_id res chain seq x y z
N LYS A 2 -16.58 -9.98 40.08
CA LYS A 2 -16.42 -10.13 41.51
C LYS A 2 -16.45 -8.80 42.24
N ARG A 3 -15.58 -7.88 41.81
CA ARG A 3 -15.50 -6.56 42.41
C ARG A 3 -15.46 -5.47 41.34
N ASN A 4 -16.28 -4.44 41.53
CA ASN A 4 -16.34 -3.33 40.58
C ASN A 4 -15.02 -2.58 40.48
N TYR A 5 -14.72 -2.05 39.30
CA TYR A 5 -13.48 -1.31 39.09
C TYR A 5 -13.67 -0.36 37.91
N ILE A 6 -12.82 0.66 37.87
CA ILE A 6 -12.74 1.55 36.72
C ILE A 6 -11.49 1.18 35.93
N LEU A 7 -11.65 0.99 34.63
CA LEU A 7 -10.56 0.53 33.77
C LEU A 7 -10.16 1.62 32.80
N GLY A 8 -8.88 1.97 32.81
CA GLY A 8 -8.33 2.98 31.93
C GLY A 8 -7.55 2.32 30.79
N LEU A 9 -7.51 3.02 29.66
CA LEU A 9 -6.87 2.52 28.44
C LEU A 9 -6.07 3.63 27.80
N ALA A 10 -4.85 3.32 27.38
CA ALA A 10 -3.99 4.27 26.68
C ALA A 10 -3.59 3.70 25.34
N ILE A 11 -4.43 3.91 24.33
CA ILE A 11 -4.23 3.34 23.00
C ILE A 11 -3.18 4.19 22.29
N GLY A 12 -2.15 3.53 21.78
CA GLY A 12 -1.13 4.20 21.01
C GLY A 12 -0.93 3.52 19.67
N ILE A 13 0.05 4.03 18.92
CA ILE A 13 0.36 3.44 17.62
C ILE A 13 0.94 2.05 17.80
N THR A 14 1.84 1.87 18.76
CA THR A 14 2.55 0.62 18.97
C THR A 14 2.22 -0.04 20.30
N SER A 15 1.28 0.50 21.06
CA SER A 15 1.08 0.08 22.44
C SER A 15 -0.36 0.29 22.85
N VAL A 16 -0.88 -0.65 23.64
CA VAL A 16 -2.16 -0.48 24.32
C VAL A 16 -1.93 -0.72 25.82
N GLY A 17 -1.61 0.35 26.54
CA GLY A 17 -1.46 0.23 27.97
C GLY A 17 -2.81 0.23 28.66
N TYR A 18 -2.96 -0.64 29.65
CA TYR A 18 -4.20 -0.80 30.38
C TYR A 18 -3.94 -0.57 31.86
N GLY A 19 -4.92 -0.02 32.54
CA GLY A 19 -4.82 0.21 33.97
C GLY A 19 -6.13 -0.06 34.68
N ILE A 20 -6.10 -0.88 35.71
CA ILE A 20 -7.30 -1.31 36.42
C ILE A 20 -7.25 -0.73 37.83
N ILE A 21 -8.18 0.17 38.13
CA ILE A 21 -8.22 0.88 39.40
C ILE A 21 -9.51 0.48 40.11
N ASP A 22 -9.39 0.09 41.39
CA ASP A 22 -10.56 -0.31 42.15
C ASP A 22 -11.44 0.88 42.44
N TYR A 23 -12.76 0.71 42.27
CA TYR A 23 -13.70 1.78 42.57
C TYR A 23 -13.76 2.06 44.06
N GLU A 24 -13.59 1.03 44.89
CA GLU A 24 -13.71 1.20 46.33
C GLU A 24 -12.43 1.77 46.93
N THR A 25 -11.34 1.00 46.88
CA THR A 25 -10.11 1.42 47.55
C THR A 25 -9.43 2.58 46.83
N ARG A 26 -9.80 2.82 45.57
CA ARG A 26 -9.26 3.88 44.73
C ARG A 26 -7.78 3.67 44.41
N ASP A 27 -7.31 2.44 44.42
CA ASP A 27 -5.92 2.12 44.10
C ASP A 27 -5.87 1.05 43.02
N VAL A 28 -4.73 0.96 42.34
CA VAL A 28 -4.61 0.09 41.18
C VAL A 28 -4.63 -1.37 41.62
N ILE A 29 -5.45 -2.17 40.92
CA ILE A 29 -5.40 -3.62 41.13
C ILE A 29 -4.31 -4.23 40.27
N ASP A 30 -4.25 -3.86 38.99
CA ASP A 30 -3.24 -4.38 38.09
C ASP A 30 -3.14 -3.47 36.88
N ALA A 31 -1.92 -3.30 36.40
CA ALA A 31 -1.63 -2.49 35.22
C ALA A 31 -0.62 -3.21 34.36
N GLY A 32 -0.65 -2.95 33.05
CA GLY A 32 0.25 -3.62 32.14
C GLY A 32 0.30 -2.94 30.79
N VAL A 33 1.08 -3.49 29.86
CA VAL A 33 1.20 -2.95 28.51
C VAL A 33 1.07 -4.09 27.52
N ARG A 34 0.52 -3.79 26.34
CA ARG A 34 0.47 -4.71 25.23
C ARG A 34 1.24 -4.09 24.07
N LEU A 35 2.39 -4.69 23.74
CA LEU A 35 3.30 -4.13 22.76
C LEU A 35 3.15 -4.89 21.45
N PHE A 36 3.03 -4.14 20.35
CA PHE A 36 2.92 -4.71 19.03
C PHE A 36 3.63 -3.79 18.06
N LYS A 37 4.12 -4.37 16.96
CA LYS A 37 4.82 -3.56 15.97
C LYS A 37 3.83 -2.71 15.20
N GLU A 38 4.19 -1.45 15.00
CA GLU A 38 3.30 -0.50 14.36
C GLU A 38 2.86 -0.98 12.98
N ALA A 39 1.56 -1.01 12.75
CA ALA A 39 1.05 -1.20 11.41
C ALA A 39 1.45 0.00 10.56
N ASN A 40 1.89 -0.27 9.34
CA ASN A 40 2.36 0.78 8.46
C ASN A 40 1.69 0.64 7.11
N VAL A 41 1.11 1.74 6.62
CA VAL A 41 0.55 1.74 5.28
C VAL A 41 1.62 1.34 4.26
N GLU A 42 2.88 1.59 4.61
CA GLU A 42 3.99 1.29 3.70
C GLU A 42 4.11 -0.21 3.45
N ASN A 43 3.79 -1.03 4.45
CA ASN A 43 3.90 -2.48 4.28
C ASN A 43 2.95 -2.99 3.19
N ASN A 44 1.67 -2.66 3.31
CA ASN A 44 0.71 -3.14 2.31
C ASN A 44 0.89 -2.42 0.99
N GLU A 45 1.32 -1.15 1.02
CA GLU A 45 1.56 -0.47 -0.25
C GLU A 45 2.76 -1.09 -0.97
N GLY A 46 3.76 -1.56 -0.22
CA GLY A 46 4.84 -2.28 -0.84
C GLY A 46 4.41 -3.63 -1.38
N ARG A 47 3.56 -4.34 -0.63
CA ARG A 47 3.06 -5.63 -1.13
C ARG A 47 2.25 -5.44 -2.41
N ARG A 48 1.40 -4.43 -2.45
CA ARG A 48 0.57 -4.19 -3.63
C ARG A 48 1.41 -3.69 -4.80
N SER A 49 2.40 -2.87 -4.50
CA SER A 49 3.29 -2.34 -5.51
C SER A 49 4.08 -3.49 -6.13
N LYS A 50 4.35 -4.51 -5.33
CA LYS A 50 5.07 -5.69 -5.79
C LYS A 50 4.16 -6.56 -6.62
N ARG A 51 2.93 -6.76 -6.15
CA ARG A 51 1.96 -7.58 -6.87
C ARG A 51 1.76 -7.00 -8.27
N GLY A 52 1.67 -5.67 -8.35
CA GLY A 52 1.50 -4.99 -9.62
C GLY A 52 2.73 -5.11 -10.51
N ALA A 53 3.92 -5.01 -9.92
CA ALA A 53 5.16 -5.16 -10.68
C ALA A 53 5.29 -6.57 -11.24
N ARG A 54 4.92 -7.57 -10.45
CA ARG A 54 4.97 -8.95 -10.92
C ARG A 54 4.00 -9.17 -12.07
N ARG A 55 2.79 -8.62 -11.96
CA ARG A 55 1.83 -8.71 -13.06
C ARG A 55 2.36 -8.01 -14.31
N LEU A 56 2.99 -6.84 -14.14
CA LEU A 56 3.56 -6.11 -15.26
C LEU A 56 4.64 -6.92 -15.95
N LYS A 57 5.55 -7.47 -15.16
CA LYS A 57 6.66 -8.27 -15.69
C LYS A 57 6.16 -9.54 -16.37
N ARG A 58 5.12 -10.13 -15.82
CA ARG A 58 4.54 -11.36 -16.38
C ARG A 58 3.75 -11.06 -17.64
N ARG A 59 3.17 -9.86 -17.69
CA ARG A 59 2.39 -9.45 -18.85
C ARG A 59 3.32 -9.16 -20.01
N ARG A 60 4.45 -8.52 -19.72
CA ARG A 60 5.45 -8.23 -20.74
C ARG A 60 6.03 -9.51 -21.31
N ARG A 61 6.36 -10.48 -20.44
CA ARG A 61 6.92 -11.73 -20.94
C ARG A 61 5.91 -12.50 -21.78
N HIS A 62 4.64 -12.49 -21.37
CA HIS A 62 3.60 -13.17 -22.14
C HIS A 62 3.39 -12.51 -23.49
N ARG A 63 3.47 -11.18 -23.54
CA ARG A 63 3.33 -10.49 -24.82
C ARG A 63 4.50 -10.80 -25.74
N ILE A 64 5.72 -10.86 -25.19
CA ILE A 64 6.88 -11.28 -25.98
C ILE A 64 6.68 -12.69 -26.50
N GLN A 65 6.14 -13.58 -25.67
CA GLN A 65 5.96 -14.96 -26.09
C GLN A 65 4.86 -15.08 -27.16
N ARG A 66 3.81 -14.28 -27.05
CA ARG A 66 2.78 -14.28 -28.09
C ARG A 66 3.34 -13.75 -29.40
N VAL A 67 4.19 -12.71 -29.34
CA VAL A 67 4.84 -12.22 -30.55
C VAL A 67 5.74 -13.30 -31.15
N LYS A 68 6.46 -14.03 -30.30
CA LYS A 68 7.32 -15.11 -30.77
C LYS A 68 6.49 -16.21 -31.43
N LYS A 69 5.34 -16.54 -30.86
CA LYS A 69 4.46 -17.53 -31.46
C LYS A 69 3.95 -17.07 -32.82
N LEU A 70 3.59 -15.78 -32.93
CA LEU A 70 3.19 -15.22 -34.21
C LEU A 70 4.30 -15.35 -35.23
N LEU A 71 5.54 -15.06 -34.82
CA LEU A 71 6.66 -15.17 -35.73
C LEU A 71 6.90 -16.61 -36.15
N PHE A 72 6.72 -17.56 -35.21
CA PHE A 72 6.86 -18.97 -35.53
C PHE A 72 5.83 -19.42 -36.55
N ASP A 73 4.58 -18.98 -36.38
CA ASP A 73 3.51 -19.47 -37.26
C ASP A 73 3.73 -19.04 -38.70
N TYR A 74 4.41 -17.92 -38.92
CA TYR A 74 4.75 -17.46 -40.25
C TYR A 74 6.18 -17.78 -40.64
N ASN A 75 6.89 -18.56 -39.82
CA ASN A 75 8.24 -19.04 -40.08
C ASN A 75 9.28 -17.93 -40.18
N LEU A 76 8.96 -16.71 -39.73
CA LEU A 76 9.96 -15.66 -39.70
C LEU A 76 11.05 -15.96 -38.68
N LEU A 77 10.65 -16.47 -37.52
CA LEU A 77 11.59 -16.75 -36.43
C LEU A 77 11.46 -18.22 -36.04
N THR A 78 12.60 -18.89 -35.94
CA THR A 78 12.64 -20.31 -35.62
C THR A 78 13.67 -20.57 -34.53
N ASP A 79 13.67 -21.79 -34.00
CA ASP A 79 14.60 -22.18 -32.95
C ASP A 79 16.05 -22.28 -33.44
N HIS A 80 16.23 -22.30 -34.75
CA HIS A 80 17.57 -22.41 -35.33
C HIS A 80 18.20 -21.04 -35.51
N SER A 81 17.35 -20.02 -35.59
CA SER A 81 17.80 -18.64 -35.76
C SER A 81 18.23 -18.05 -34.43
N GLU A 82 19.18 -17.12 -34.49
CA GLU A 82 19.72 -16.46 -33.32
C GLU A 82 19.53 -14.96 -33.42
N LEU A 83 18.73 -14.39 -32.52
CA LEU A 83 18.58 -12.95 -32.45
C LEU A 83 19.91 -12.27 -32.16
N SER A 84 20.81 -12.97 -31.46
CA SER A 84 22.07 -12.39 -31.03
C SER A 84 22.91 -11.94 -32.21
N GLY A 85 23.65 -10.85 -32.01
CA GLY A 85 24.47 -10.27 -33.05
C GLY A 85 23.77 -9.24 -33.90
N ILE A 86 22.48 -8.99 -33.67
CA ILE A 86 21.69 -8.06 -34.47
C ILE A 86 21.40 -6.83 -33.61
N ASN A 87 21.67 -5.65 -34.18
CA ASN A 87 21.34 -4.42 -33.50
C ASN A 87 19.90 -4.05 -33.84
N PRO A 88 18.98 -4.06 -32.88
CA PRO A 88 17.57 -3.81 -33.23
C PRO A 88 17.30 -2.39 -33.66
N TYR A 89 18.07 -1.41 -33.17
CA TYR A 89 17.87 -0.03 -33.60
C TYR A 89 18.23 0.14 -35.06
N GLU A 90 19.41 -0.33 -35.45
CA GLU A 90 19.81 -0.27 -36.86
C GLU A 90 18.86 -1.09 -37.71
N ALA A 91 18.41 -2.25 -37.19
CA ALA A 91 17.46 -3.07 -37.92
C ALA A 91 16.15 -2.34 -38.16
N ARG A 92 15.62 -1.67 -37.14
CA ARG A 92 14.37 -0.94 -37.32
C ARG A 92 14.52 0.20 -38.31
N VAL A 93 15.60 0.97 -38.19
CA VAL A 93 15.80 2.10 -39.09
C VAL A 93 15.98 1.60 -40.53
N LYS A 94 16.64 0.45 -40.70
CA LYS A 94 16.74 -0.15 -42.03
C LYS A 94 15.38 -0.61 -42.53
N GLY A 95 14.56 -1.18 -41.65
CA GLY A 95 13.30 -1.75 -42.08
C GLY A 95 12.27 -0.71 -42.44
N LEU A 96 12.39 0.50 -41.87
CA LEU A 96 11.47 1.56 -42.26
C LEU A 96 11.59 1.90 -43.73
N SER A 97 12.75 1.64 -44.34
CA SER A 97 12.97 2.03 -45.72
C SER A 97 13.46 0.91 -46.62
N GLN A 98 14.03 -0.17 -46.07
CA GLN A 98 14.70 -1.16 -46.89
C GLN A 98 14.33 -2.56 -46.41
N LYS A 99 14.43 -3.53 -47.31
CA LYS A 99 14.21 -4.92 -46.97
C LYS A 99 15.26 -5.40 -45.98
N LEU A 100 14.84 -6.29 -45.09
CA LEU A 100 15.75 -6.94 -44.14
C LEU A 100 15.34 -8.41 -43.94
N SER A 101 16.31 -9.18 -43.45
CA SER A 101 16.14 -10.62 -43.35
C SER A 101 15.13 -10.99 -42.27
N GLU A 102 14.68 -12.25 -42.29
CA GLU A 102 13.60 -12.65 -41.40
C GLU A 102 14.07 -12.72 -39.94
N GLU A 103 15.31 -13.13 -39.71
CA GLU A 103 15.82 -13.14 -38.34
C GLU A 103 15.97 -11.71 -37.81
N GLU A 104 16.42 -10.80 -38.66
CA GLU A 104 16.54 -9.40 -38.25
C GLU A 104 15.17 -8.73 -38.15
N PHE A 105 14.23 -9.16 -39.01
CA PHE A 105 12.83 -8.77 -38.86
C PHE A 105 12.29 -9.18 -37.49
N SER A 106 12.55 -10.43 -37.09
CA SER A 106 12.09 -10.90 -35.79
C SER A 106 12.75 -10.11 -34.67
N ALA A 107 14.04 -9.80 -34.80
CA ALA A 107 14.72 -9.00 -33.80
C ALA A 107 14.03 -7.64 -33.63
N ALA A 108 13.73 -6.97 -34.75
CA ALA A 108 13.07 -5.67 -34.67
C ALA A 108 11.68 -5.78 -34.06
N LEU A 109 10.91 -6.80 -34.45
CA LEU A 109 9.56 -6.94 -33.93
C LEU A 109 9.55 -7.23 -32.44
N LEU A 110 10.45 -8.12 -31.99
CA LEU A 110 10.53 -8.43 -30.57
C LEU A 110 11.01 -7.23 -29.77
N HIS A 111 11.92 -6.41 -30.34
CA HIS A 111 12.33 -5.21 -29.62
C HIS A 111 11.18 -4.21 -29.52
N LEU A 112 10.38 -4.07 -30.58
CA LEU A 112 9.23 -3.19 -30.50
C LEU A 112 8.22 -3.69 -29.46
N ALA A 113 7.99 -5.00 -29.41
CA ALA A 113 7.08 -5.54 -28.42
C ALA A 113 7.63 -5.44 -27.00
N LYS A 114 8.96 -5.38 -26.88
CA LYS A 114 9.59 -5.26 -25.56
C LYS A 114 9.23 -3.95 -24.89
N ARG A 115 9.42 -2.83 -25.57
CA ARG A 115 9.08 -1.50 -25.05
C ARG A 115 8.00 -0.90 -25.93
N ARG A 116 6.84 -0.62 -25.33
CA ARG A 116 5.68 -0.17 -26.06
C ARG A 116 5.46 1.32 -25.96
N GLY A 117 6.04 1.98 -24.97
CA GLY A 117 5.73 3.37 -24.72
C GLY A 117 4.54 3.52 -23.79
N VAL A 118 4.33 4.76 -23.35
CA VAL A 118 3.35 5.07 -22.32
C VAL A 118 2.04 5.43 -23.01
N HIS A 119 0.92 5.01 -22.41
CA HIS A 119 -0.38 5.30 -22.99
C HIS A 119 -1.06 6.46 -22.26
N ASN A 120 -0.69 6.67 -21.00
CA ASN A 120 -1.35 7.70 -20.19
C ASN A 120 -0.98 9.09 -20.68
N VAL A 121 0.06 9.21 -21.50
CA VAL A 121 0.56 10.52 -21.89
C VAL A 121 0.06 10.91 -23.28
N ASN A 122 -0.05 9.94 -24.20
CA ASN A 122 -0.59 10.28 -25.52
C ASN A 122 -2.05 10.72 -25.41
N GLU A 123 -2.70 10.42 -24.29
CA GLU A 123 -4.01 11.01 -24.02
C GLU A 123 -3.87 12.42 -23.46
N VAL A 124 -3.02 12.59 -22.44
CA VAL A 124 -2.79 13.88 -21.80
C VAL A 124 -1.28 14.09 -21.65
N GLU A 125 -0.74 15.09 -22.34
CA GLU A 125 0.68 15.40 -22.30
C GLU A 125 0.87 16.88 -21.96
N GLU A 126 1.73 17.16 -20.99
CA GLU A 126 2.04 18.51 -20.56
C GLU A 126 3.54 18.74 -20.62
N ASP A 127 3.96 19.97 -20.88
CA ASP A 127 5.37 20.30 -21.04
C ASP A 127 5.67 21.65 -20.39
N THR A 128 6.74 21.69 -19.58
CA THR A 128 7.23 22.93 -18.99
C THR A 128 8.75 22.93 -19.03
N GLY A 129 9.32 23.46 -20.11
CA GLY A 129 10.76 23.54 -20.24
C GLY A 129 11.41 22.16 -20.29
N ASN A 130 12.47 21.99 -19.50
CA ASN A 130 13.16 20.71 -19.35
C ASN A 130 13.03 20.24 -17.90
N GLU A 131 12.49 19.04 -17.71
CA GLU A 131 12.23 18.51 -16.38
C GLU A 131 12.43 17.01 -16.37
N LEU A 132 12.45 16.40 -15.18
CA LEU A 132 12.64 14.96 -15.06
C LEU A 132 11.32 14.20 -15.06
N SER A 133 10.34 14.73 -15.77
CA SER A 133 9.02 14.11 -15.85
C SER A 133 8.83 13.38 -17.18
N THR A 134 7.93 12.41 -17.20
CA THR A 134 7.65 11.64 -18.41
C THR A 134 6.71 12.41 -19.34
N LYS A 135 5.74 13.09 -18.75
CA LYS A 135 4.78 13.87 -19.54
C LYS A 135 5.44 15.01 -20.29
N GLU A 136 6.64 15.39 -19.85
CA GLU A 136 7.37 16.47 -20.50
C GLU A 136 8.52 15.93 -21.35
N GLN A 137 9.14 14.83 -20.90
CA GLN A 137 10.17 14.19 -21.71
C GLN A 137 9.61 13.72 -23.04
N ILE A 138 8.45 13.08 -23.04
CA ILE A 138 7.89 12.62 -24.31
C ILE A 138 7.25 13.78 -25.06
N SER A 139 6.97 14.89 -24.38
CA SER A 139 6.66 16.11 -25.11
C SER A 139 7.83 16.53 -25.99
N ARG A 140 9.03 16.58 -25.40
CA ARG A 140 10.23 16.91 -26.18
C ARG A 140 10.50 15.87 -27.26
N ASN A 141 10.34 14.58 -26.91
CA ASN A 141 10.55 13.53 -27.90
C ASN A 141 9.57 13.65 -29.05
N SER A 142 8.30 13.93 -28.77
CA SER A 142 7.31 14.07 -29.82
C SER A 142 7.60 15.28 -30.70
N LYS A 143 8.11 16.35 -30.10
CA LYS A 143 8.65 17.45 -30.90
C LYS A 143 9.73 16.93 -31.85
N ALA A 144 10.56 16.00 -31.38
CA ALA A 144 11.62 15.46 -32.24
C ALA A 144 11.09 14.33 -33.14
N LEU A 145 9.81 13.96 -32.99
CA LEU A 145 9.27 12.80 -33.72
C LEU A 145 8.51 13.19 -34.97
N GLU A 146 7.92 14.38 -35.01
CA GLU A 146 7.20 14.78 -36.20
C GLU A 146 8.14 14.87 -37.40
N GLU A 147 9.44 14.96 -37.15
CA GLU A 147 10.42 14.90 -38.22
C GLU A 147 10.80 13.45 -38.54
N LYS A 148 11.03 12.63 -37.51
CA LYS A 148 11.59 11.29 -37.69
C LYS A 148 10.91 10.31 -36.76
N TYR A 149 10.94 9.03 -37.14
CA TYR A 149 10.34 7.97 -36.35
C TYR A 149 11.08 7.80 -35.01
N VAL A 150 10.57 6.89 -34.18
CA VAL A 150 11.19 6.62 -32.90
C VAL A 150 12.55 5.98 -33.08
N ALA A 151 12.64 5.00 -33.97
CA ALA A 151 13.89 4.27 -34.16
C ALA A 151 14.99 5.15 -34.69
N GLU A 152 14.67 6.04 -35.64
CA GLU A 152 15.69 6.92 -36.21
C GLU A 152 16.22 7.89 -35.16
N LEU A 153 15.34 8.47 -34.34
CA LEU A 153 15.81 9.36 -33.29
C LEU A 153 16.62 8.61 -32.25
N GLN A 154 16.21 7.39 -31.93
CA GLN A 154 16.95 6.59 -30.96
C GLN A 154 18.34 6.23 -31.48
N LEU A 155 18.44 5.88 -32.75
CA LEU A 155 19.75 5.58 -33.34
C LEU A 155 20.62 6.83 -33.42
N GLU A 156 20.01 7.97 -33.75
CA GLU A 156 20.75 9.23 -33.73
C GLU A 156 21.30 9.54 -32.35
N ARG A 157 20.48 9.31 -31.31
CA ARG A 157 20.97 9.49 -29.95
C ARG A 157 22.04 8.47 -29.60
N LEU A 158 21.95 7.27 -30.19
CA LEU A 158 22.96 6.25 -29.96
C LEU A 158 24.31 6.69 -30.53
N LYS A 159 24.30 7.40 -31.65
CA LYS A 159 25.55 7.91 -32.21
C LYS A 159 26.03 9.15 -31.47
N LYS A 160 25.10 10.00 -31.01
CA LYS A 160 25.49 11.25 -30.37
C LYS A 160 26.06 11.02 -28.98
N ASP A 161 25.25 10.54 -28.05
CA ASP A 161 25.69 10.35 -26.68
C ASP A 161 26.31 8.99 -26.45
N GLY A 162 26.22 8.08 -27.42
CA GLY A 162 26.75 6.74 -27.26
C GLY A 162 25.81 5.74 -26.62
N GLU A 163 24.65 6.19 -26.12
CA GLU A 163 23.73 5.31 -25.43
C GLU A 163 22.30 5.67 -25.80
N VAL A 164 21.38 4.72 -25.66
CA VAL A 164 19.97 4.98 -25.90
C VAL A 164 19.20 5.00 -24.60
N ARG A 165 19.47 4.03 -23.72
CA ARG A 165 18.64 3.83 -22.54
C ARG A 165 18.74 4.99 -21.58
N GLY A 166 17.69 5.18 -20.78
CA GLY A 166 17.70 6.19 -19.75
C GLY A 166 16.37 6.91 -19.70
N SER A 167 16.38 8.04 -19.00
CA SER A 167 15.18 8.88 -18.93
C SER A 167 14.85 9.46 -20.31
N ILE A 168 15.83 9.48 -21.21
CA ILE A 168 15.61 10.07 -22.53
C ILE A 168 14.77 9.13 -23.40
N ASN A 169 14.60 7.88 -22.95
CA ASN A 169 14.15 6.84 -23.88
C ASN A 169 12.66 6.57 -23.78
N ARG A 170 11.94 7.42 -23.05
CA ARG A 170 10.50 7.28 -22.89
C ARG A 170 9.75 7.92 -24.04
N PHE A 171 8.85 7.15 -24.66
CA PHE A 171 8.06 7.63 -25.79
C PHE A 171 6.59 7.25 -25.63
N LYS A 172 5.78 7.64 -26.60
CA LYS A 172 4.36 7.34 -26.61
C LYS A 172 4.09 6.06 -27.41
N THR A 173 3.05 5.34 -27.01
CA THR A 173 2.68 4.11 -27.72
C THR A 173 2.20 4.42 -29.12
N SER A 174 1.65 5.61 -29.34
CA SER A 174 1.23 6.00 -30.68
C SER A 174 2.43 6.14 -31.61
N ASP A 175 3.53 6.70 -31.12
CA ASP A 175 4.74 6.80 -31.92
C ASP A 175 5.28 5.43 -32.29
N TYR A 176 5.33 4.53 -31.31
CA TYR A 176 5.81 3.17 -31.56
C TYR A 176 4.90 2.45 -32.54
N VAL A 177 3.58 2.64 -32.40
CA VAL A 177 2.63 1.98 -33.28
C VAL A 177 2.76 2.52 -34.70
N LYS A 178 2.97 3.82 -34.85
CA LYS A 178 3.17 4.40 -36.17
C LYS A 178 4.43 3.88 -36.82
N GLU A 179 5.53 3.82 -36.07
CA GLU A 179 6.77 3.28 -36.61
C GLU A 179 6.62 1.82 -36.99
N ALA A 180 5.99 1.02 -36.14
CA ALA A 180 5.81 -0.40 -36.43
C ALA A 180 4.90 -0.60 -37.62
N LYS A 181 3.89 0.27 -37.78
CA LYS A 181 2.99 0.16 -38.91
C LYS A 181 3.70 0.47 -40.21
N GLN A 182 4.55 1.50 -40.21
CA GLN A 182 5.34 1.79 -41.41
C GLN A 182 6.33 0.67 -41.70
N LEU A 183 6.97 0.14 -40.66
CA LEU A 183 7.90 -0.98 -40.83
C LEU A 183 7.19 -2.18 -41.45
N LEU A 184 6.01 -2.51 -40.94
CA LEU A 184 5.29 -3.68 -41.45
C LEU A 184 4.76 -3.43 -42.85
N LYS A 185 4.37 -2.18 -43.16
CA LYS A 185 3.92 -1.87 -44.51
C LYS A 185 5.05 -2.04 -45.51
N VAL A 186 6.27 -1.66 -45.13
CA VAL A 186 7.40 -1.89 -46.02
C VAL A 186 7.75 -3.37 -46.11
N GLN A 187 7.73 -4.06 -44.96
CA GLN A 187 8.24 -5.43 -44.92
C GLN A 187 7.27 -6.43 -45.54
N LYS A 188 5.97 -6.10 -45.55
CA LYS A 188 4.98 -7.07 -46.01
C LYS A 188 5.11 -7.33 -47.51
N ALA A 189 5.74 -6.41 -48.24
CA ALA A 189 5.98 -6.63 -49.65
C ALA A 189 6.96 -7.77 -49.88
N TYR A 190 8.10 -7.74 -49.21
CA TYR A 190 9.13 -8.76 -49.43
C TYR A 190 8.74 -10.08 -48.77
N HIS A 191 8.33 -10.04 -47.52
CA HIS A 191 8.00 -11.25 -46.78
C HIS A 191 6.54 -11.65 -47.04
N GLN A 192 6.24 -12.91 -46.73
CA GLN A 192 4.87 -13.43 -46.90
C GLN A 192 4.07 -13.16 -45.62
N LEU A 193 3.53 -11.95 -45.54
CA LEU A 193 2.72 -11.53 -44.42
C LEU A 193 1.33 -11.16 -44.91
N ASP A 194 0.31 -11.75 -44.31
CA ASP A 194 -1.06 -11.37 -44.59
C ASP A 194 -1.42 -10.09 -43.85
N GLN A 195 -2.56 -9.50 -44.22
CA GLN A 195 -3.05 -8.35 -43.47
C GLN A 195 -3.36 -8.72 -42.03
N SER A 196 -3.92 -9.92 -41.82
CA SER A 196 -4.32 -10.33 -40.48
C SER A 196 -3.14 -10.41 -39.53
N PHE A 197 -1.97 -10.82 -40.03
CA PHE A 197 -0.78 -10.87 -39.18
C PHE A 197 -0.38 -9.47 -38.71
N ILE A 198 -0.48 -8.48 -39.60
CA ILE A 198 -0.14 -7.11 -39.22
C ILE A 198 -1.08 -6.59 -38.15
N ASP A 199 -2.39 -6.82 -38.30
CA ASP A 199 -3.32 -6.35 -37.28
C ASP A 199 -3.10 -7.09 -35.97
N THR A 200 -2.83 -8.39 -36.03
CA THR A 200 -2.56 -9.14 -34.81
C THR A 200 -1.34 -8.60 -34.09
N TYR A 201 -0.27 -8.31 -34.83
CA TYR A 201 0.92 -7.74 -34.20
C TYR A 201 0.63 -6.37 -33.62
N ILE A 202 -0.13 -5.54 -34.33
CA ILE A 202 -0.40 -4.20 -33.82
C ILE A 202 -1.23 -4.26 -32.55
N ASP A 203 -2.18 -5.20 -32.46
CA ASP A 203 -2.88 -5.40 -31.20
C ASP A 203 -1.94 -5.86 -30.09
N LEU A 204 -1.06 -6.83 -30.39
CA LEU A 204 -0.09 -7.24 -29.38
C LEU A 204 0.73 -6.06 -28.89
N LEU A 205 1.11 -5.17 -29.80
CA LEU A 205 1.87 -3.99 -29.43
C LEU A 205 1.04 -3.00 -28.63
N GLU A 206 -0.21 -2.77 -29.03
CA GLU A 206 -0.95 -1.66 -28.46
C GLU A 206 -1.93 -2.08 -27.36
N THR A 207 -2.22 -3.37 -27.22
CA THR A 207 -3.25 -3.82 -26.28
C THR A 207 -2.68 -3.92 -24.88
N ARG A 208 -3.38 -3.30 -23.93
CA ARG A 208 -3.15 -3.51 -22.51
C ARG A 208 -4.50 -3.57 -21.82
N ARG A 209 -4.52 -4.13 -20.62
CA ARG A 209 -5.75 -4.20 -19.85
C ARG A 209 -6.17 -2.81 -19.40
N THR A 210 -7.47 -2.60 -19.24
CA THR A 210 -7.97 -1.35 -18.69
C THR A 210 -8.11 -1.45 -17.18
N TYR A 211 -8.25 -0.28 -16.54
CA TYR A 211 -8.32 -0.25 -15.09
C TYR A 211 -9.63 -0.84 -14.59
N TYR A 212 -10.65 -0.92 -15.45
CA TYR A 212 -11.92 -1.50 -15.02
C TYR A 212 -12.00 -2.97 -15.40
N GLU A 213 -10.99 -3.48 -16.12
CA GLU A 213 -11.03 -4.88 -16.52
C GLU A 213 -10.21 -5.75 -15.57
N GLY A 214 -9.10 -5.23 -15.06
CA GLY A 214 -8.37 -5.86 -14.00
C GLY A 214 -7.73 -7.16 -14.42
N PRO A 215 -7.28 -7.97 -13.45
CA PRO A 215 -6.61 -9.22 -13.77
C PRO A 215 -7.60 -10.25 -14.32
N GLY A 216 -7.07 -11.38 -14.74
CA GLY A 216 -7.92 -12.51 -15.08
C GLY A 216 -8.77 -12.91 -13.90
N GLU A 217 -10.03 -13.24 -14.18
CA GLU A 217 -11.01 -13.46 -13.12
C GLU A 217 -10.66 -14.68 -12.28
N GLY A 218 -9.68 -15.47 -12.72
CA GLY A 218 -9.12 -16.50 -11.85
C GLY A 218 -8.37 -15.91 -10.66
N SER A 219 -8.07 -14.62 -10.73
CA SER A 219 -7.39 -13.96 -9.62
C SER A 219 -8.33 -13.82 -8.43
N PRO A 220 -7.81 -13.84 -7.21
CA PRO A 220 -8.63 -13.40 -6.07
C PRO A 220 -8.97 -11.92 -6.12
N PHE A 221 -8.24 -11.14 -6.93
CA PHE A 221 -8.49 -9.71 -7.01
C PHE A 221 -9.37 -9.36 -8.20
N GLY A 222 -9.76 -10.35 -9.00
CA GLY A 222 -10.46 -10.05 -10.24
C GLY A 222 -11.96 -9.92 -10.04
N TRP A 223 -12.65 -9.61 -11.13
CA TRP A 223 -14.11 -9.48 -11.14
C TRP A 223 -14.64 -10.02 -12.46
N LYS A 224 -15.84 -10.59 -12.44
CA LYS A 224 -16.43 -11.16 -13.64
C LYS A 224 -16.78 -10.11 -14.70
N ASP A 225 -17.51 -9.08 -14.29
CA ASP A 225 -17.91 -8.02 -15.22
C ASP A 225 -17.72 -6.64 -14.59
N ILE A 226 -17.68 -5.61 -15.44
CA ILE A 226 -17.49 -4.25 -14.96
C ILE A 226 -18.64 -3.85 -14.03
N LYS A 227 -19.84 -4.37 -14.29
CA LYS A 227 -20.98 -4.05 -13.45
C LYS A 227 -20.75 -4.56 -12.03
N GLU A 228 -20.28 -5.81 -11.90
CA GLU A 228 -19.93 -6.34 -10.59
C GLU A 228 -18.73 -5.62 -10.00
N TRP A 229 -17.78 -5.21 -10.84
CA TRP A 229 -16.64 -4.45 -10.33
C TRP A 229 -17.08 -3.18 -9.65
N TYR A 230 -17.99 -2.43 -10.28
CA TYR A 230 -18.48 -1.20 -9.68
C TYR A 230 -19.34 -1.50 -8.46
N GLU A 231 -20.09 -2.61 -8.50
CA GLU A 231 -20.96 -2.97 -7.38
C GLU A 231 -20.17 -3.15 -6.09
N MET A 232 -19.05 -3.87 -6.13
CA MET A 232 -18.29 -4.06 -4.90
C MET A 232 -17.52 -2.81 -4.51
N LEU A 233 -17.28 -1.94 -5.48
CA LEU A 233 -16.55 -0.70 -5.24
C LEU A 233 -17.38 0.34 -4.48
N MET A 234 -18.58 0.62 -4.99
CA MET A 234 -19.46 1.62 -4.37
C MET A 234 -19.92 1.25 -2.96
N GLY A 235 -20.26 2.28 -2.18
CA GLY A 235 -20.70 2.09 -0.82
C GLY A 235 -22.17 1.71 -0.69
N HIS A 236 -22.64 1.62 0.55
CA HIS A 236 -24.02 1.25 0.81
C HIS A 236 -24.80 2.43 1.37
N CYS A 237 -26.13 2.34 1.30
CA CYS A 237 -26.98 3.46 1.70
C CYS A 237 -26.83 3.73 3.19
N THR A 238 -26.89 5.01 3.55
CA THR A 238 -26.67 5.41 4.95
C THR A 238 -27.81 4.96 5.85
N TYR A 239 -28.96 4.65 5.27
CA TYR A 239 -30.12 4.28 6.08
C TYR A 239 -30.44 2.80 5.92
N PHE A 240 -30.39 2.31 4.69
CA PHE A 240 -30.65 0.91 4.38
C PHE A 240 -29.32 0.25 4.01
N PRO A 241 -28.69 -0.41 4.99
CA PRO A 241 -27.40 -1.09 4.78
C PRO A 241 -27.43 -2.06 3.61
N GLU A 242 -28.52 -2.79 3.46
CA GLU A 242 -28.66 -3.76 2.39
C GLU A 242 -28.64 -3.08 1.02
N GLU A 243 -29.16 -1.86 0.95
CA GLU A 243 -29.30 -1.17 -0.32
C GLU A 243 -28.00 -0.49 -0.72
N LEU A 244 -27.70 -0.53 -2.01
CA LEU A 244 -26.52 0.15 -2.53
C LEU A 244 -26.83 1.61 -2.83
N ARG A 245 -25.80 2.45 -2.76
CA ARG A 245 -25.98 3.88 -2.99
C ARG A 245 -26.43 4.14 -4.42
N SER A 246 -27.23 5.19 -4.58
CA SER A 246 -27.61 5.64 -5.91
C SER A 246 -26.52 6.52 -6.50
N VAL A 247 -26.34 6.43 -7.81
CA VAL A 247 -25.39 7.30 -8.48
C VAL A 247 -25.89 8.74 -8.41
N LYS A 248 -24.99 9.67 -8.09
CA LYS A 248 -25.43 10.97 -7.60
C LYS A 248 -26.11 11.79 -8.68
N TYR A 249 -25.94 11.43 -9.95
CA TYR A 249 -26.57 12.22 -11.00
C TYR A 249 -27.80 11.52 -11.54
N ALA A 250 -28.37 10.58 -10.78
CA ALA A 250 -29.69 10.05 -11.12
C ALA A 250 -30.72 11.16 -11.03
N TYR A 251 -31.74 11.09 -11.88
CA TYR A 251 -32.73 12.18 -11.91
C TYR A 251 -33.47 12.28 -10.59
N ASN A 252 -33.79 11.15 -9.97
CA ASN A 252 -34.50 11.20 -8.69
C ASN A 252 -33.63 11.79 -7.60
N ALA A 253 -32.33 11.49 -7.61
CA ALA A 253 -31.42 12.09 -6.64
C ALA A 253 -31.33 13.60 -6.81
N ASP A 254 -31.22 14.07 -8.04
CA ASP A 254 -31.12 15.51 -8.28
C ASP A 254 -32.44 16.20 -7.95
N LEU A 255 -33.57 15.55 -8.25
CA LEU A 255 -34.87 16.08 -7.86
C LEU A 255 -34.99 16.17 -6.35
N TYR A 256 -34.46 15.16 -5.67
CA TYR A 256 -34.47 15.10 -4.21
C TYR A 256 -33.68 16.27 -3.65
N ASN A 257 -32.50 16.52 -4.22
CA ASN A 257 -31.66 17.63 -3.78
C ASN A 257 -32.35 18.98 -4.03
N ALA A 258 -32.98 19.13 -5.19
CA ALA A 258 -33.68 20.37 -5.49
C ALA A 258 -34.84 20.60 -4.53
N LEU A 259 -35.57 19.52 -4.24
CA LEU A 259 -36.70 19.58 -3.32
C LEU A 259 -36.21 19.93 -1.92
N ASN A 260 -35.05 19.39 -1.55
CA ASN A 260 -34.46 19.68 -0.25
C ASN A 260 -34.15 21.16 -0.16
N ASP A 261 -33.49 21.67 -1.20
CA ASP A 261 -33.15 23.09 -1.27
C ASP A 261 -34.40 23.96 -1.16
N LEU A 262 -35.43 23.64 -1.92
CA LEU A 262 -36.64 24.46 -1.95
C LEU A 262 -37.36 24.43 -0.61
N ASN A 263 -37.22 23.34 0.14
CA ASN A 263 -37.83 23.29 1.46
C ASN A 263 -37.04 24.13 2.47
N ASN A 264 -35.75 24.31 2.24
CA ASN A 264 -34.95 25.18 3.08
C ASN A 264 -35.30 26.65 2.85
N LEU A 265 -36.00 26.92 1.74
CA LEU A 265 -36.39 28.28 1.41
C LEU A 265 -37.36 28.86 2.45
N VAL A 266 -37.09 30.10 2.87
CA VAL A 266 -37.91 30.80 3.84
C VAL A 266 -38.46 32.06 3.18
N ILE A 267 -39.79 32.18 3.12
CA ILE A 267 -40.47 33.28 2.46
C ILE A 267 -41.27 34.05 3.51
N THR A 268 -41.16 35.38 3.47
CA THR A 268 -41.75 36.20 4.53
C THR A 268 -43.20 36.57 4.22
N ARG A 269 -43.51 36.86 2.95
CA ARG A 269 -44.84 37.36 2.61
C ARG A 269 -45.91 36.33 2.91
N ASP A 270 -45.55 35.04 2.93
CA ASP A 270 -46.52 34.00 3.23
C ASP A 270 -46.82 33.93 4.73
N GLU A 271 -46.00 34.61 5.54
CA GLU A 271 -46.04 34.62 7.00
C GLU A 271 -45.74 33.24 7.58
N ASN A 272 -45.37 32.31 6.70
CA ASN A 272 -45.02 30.95 7.09
C ASN A 272 -43.59 30.66 6.65
N GLU A 273 -43.00 29.60 7.20
CA GLU A 273 -41.63 29.24 6.85
C GLU A 273 -41.53 28.24 5.71
N LYS A 274 -42.63 27.54 5.43
CA LYS A 274 -42.63 26.53 4.38
C LYS A 274 -43.15 27.10 3.07
N LEU A 275 -42.61 26.59 1.96
CA LEU A 275 -43.08 26.98 0.64
C LEU A 275 -44.25 26.12 0.20
N GLU A 276 -45.12 26.68 -0.62
CA GLU A 276 -46.31 25.99 -1.10
C GLU A 276 -45.96 24.87 -2.09
N TYR A 277 -46.81 23.86 -2.15
CA TYR A 277 -46.60 22.73 -3.05
C TYR A 277 -46.81 23.17 -4.50
N TYR A 278 -47.98 23.73 -4.78
CA TYR A 278 -48.29 24.20 -6.13
C TYR A 278 -47.28 25.25 -6.56
N GLU A 279 -46.61 25.87 -5.58
CA GLU A 279 -45.62 26.88 -5.88
C GLU A 279 -44.25 26.26 -6.09
N LYS A 280 -43.89 25.28 -5.27
CA LYS A 280 -42.63 24.57 -5.44
C LYS A 280 -42.59 23.83 -6.77
N PHE A 281 -43.69 23.17 -7.12
CA PHE A 281 -43.76 22.45 -8.39
C PHE A 281 -43.61 23.40 -9.55
N GLN A 282 -44.25 24.58 -9.47
CA GLN A 282 -44.08 25.59 -10.50
C GLN A 282 -42.64 26.05 -10.59
N ILE A 283 -42.00 26.28 -9.45
CA ILE A 283 -40.60 26.71 -9.47
C ILE A 283 -39.75 25.66 -10.18
N ILE A 284 -39.91 24.40 -9.78
CA ILE A 284 -39.14 23.30 -10.35
C ILE A 284 -39.45 23.00 -11.81
N GLU A 285 -40.67 23.30 -12.25
CA GLU A 285 -41.07 23.02 -13.62
C GLU A 285 -40.88 24.21 -14.57
N ASN A 286 -40.52 25.36 -14.01
CA ASN A 286 -40.33 26.55 -14.83
C ASN A 286 -38.90 27.09 -14.74
N VAL A 287 -38.15 26.69 -13.72
CA VAL A 287 -36.79 27.16 -13.52
C VAL A 287 -35.77 26.05 -13.67
N PHE A 288 -35.95 24.96 -12.92
CA PHE A 288 -34.95 23.90 -12.92
C PHE A 288 -34.98 23.13 -14.23
N LYS A 289 -36.13 23.05 -14.87
CA LYS A 289 -36.21 22.32 -16.14
C LYS A 289 -35.90 23.23 -17.33
N GLN A 290 -35.65 24.51 -17.07
CA GLN A 290 -35.39 25.44 -18.16
C GLN A 290 -33.94 25.89 -18.19
N LYS A 291 -33.29 25.98 -17.04
CA LYS A 291 -31.92 26.45 -16.95
C LYS A 291 -31.01 25.32 -16.49
N LYS A 292 -29.81 25.25 -17.07
CA LYS A 292 -28.83 24.27 -16.64
C LYS A 292 -28.45 24.47 -15.17
N LYS A 293 -28.25 25.71 -14.75
CA LYS A 293 -28.08 26.02 -13.35
C LYS A 293 -29.09 27.08 -12.94
N PRO A 294 -30.00 26.77 -12.02
CA PRO A 294 -31.00 27.76 -11.62
C PRO A 294 -30.37 28.94 -10.90
N THR A 295 -30.99 30.11 -11.06
CA THR A 295 -30.54 31.32 -10.41
C THR A 295 -31.63 31.79 -9.46
N LEU A 296 -31.23 32.27 -8.29
CA LEU A 296 -32.19 32.75 -7.30
C LEU A 296 -32.98 33.92 -7.85
N LYS A 297 -32.34 34.77 -8.65
CA LYS A 297 -33.05 35.88 -9.29
C LYS A 297 -34.12 35.36 -10.24
N GLN A 298 -33.80 34.32 -11.01
CA GLN A 298 -34.81 33.70 -11.88
C GLN A 298 -35.87 32.99 -11.06
N ILE A 299 -35.49 32.44 -9.91
CA ILE A 299 -36.48 31.85 -9.00
C ILE A 299 -37.39 32.94 -8.46
N ALA A 300 -36.84 34.13 -8.22
CA ALA A 300 -37.64 35.24 -7.74
C ALA A 300 -38.76 35.59 -8.71
N LYS A 301 -38.48 35.51 -10.01
CA LYS A 301 -39.52 35.77 -11.01
C LYS A 301 -40.66 34.76 -10.89
N GLU A 302 -40.31 33.47 -10.79
CA GLU A 302 -41.35 32.45 -10.64
C GLU A 302 -42.11 32.61 -9.33
N ILE A 303 -41.41 32.92 -8.24
CA ILE A 303 -42.09 33.10 -6.97
C ILE A 303 -42.81 34.44 -6.92
N LEU A 304 -42.50 35.33 -7.86
CA LEU A 304 -43.09 36.66 -7.97
C LEU A 304 -42.84 37.51 -6.74
N VAL A 305 -41.71 37.30 -6.06
CA VAL A 305 -41.41 37.99 -4.81
C VAL A 305 -39.95 38.44 -4.85
N ASN A 306 -39.66 39.53 -4.11
CA ASN A 306 -38.33 40.12 -4.12
C ASN A 306 -37.29 39.16 -3.55
N GLU A 307 -36.05 39.29 -4.04
CA GLU A 307 -35.00 38.34 -3.67
C GLU A 307 -34.62 38.46 -2.19
N GLU A 308 -34.65 39.66 -1.63
CA GLU A 308 -34.30 39.81 -0.22
C GLU A 308 -35.35 39.21 0.69
N ASP A 309 -36.57 39.00 0.18
CA ASP A 309 -37.54 38.21 0.91
C ASP A 309 -37.10 36.76 1.03
N ILE A 310 -36.41 36.26 0.00
CA ILE A 310 -35.88 34.90 0.03
C ILE A 310 -34.83 34.76 1.12
N LYS A 311 -34.93 33.67 1.89
CA LYS A 311 -33.99 33.37 2.95
C LYS A 311 -33.85 31.86 3.07
N GLY A 312 -32.72 31.43 3.64
CA GLY A 312 -32.48 30.02 3.89
C GLY A 312 -31.78 29.27 2.79
N TYR A 313 -31.51 29.90 1.65
CA TYR A 313 -30.80 29.22 0.57
C TYR A 313 -29.37 28.91 0.97
N ARG A 314 -28.87 27.76 0.52
CA ARG A 314 -27.49 27.41 0.78
C ARG A 314 -26.56 28.24 -0.08
N VAL A 315 -25.42 28.63 0.49
CA VAL A 315 -24.47 29.52 -0.17
C VAL A 315 -23.07 29.16 0.28
N THR A 316 -22.11 29.38 -0.61
CA THR A 316 -20.71 29.03 -0.37
C THR A 316 -19.85 30.28 -0.40
N SER A 317 -19.45 30.73 0.79
CA SER A 317 -18.60 31.92 0.97
C SER A 317 -19.28 33.11 0.28
N THR A 318 -18.57 33.91 -0.49
CA THR A 318 -19.13 35.11 -1.11
C THR A 318 -19.72 34.84 -2.49
N GLY A 319 -19.82 33.58 -2.90
CA GLY A 319 -20.43 33.28 -4.18
C GLY A 319 -21.93 33.46 -4.15
N LYS A 320 -22.54 33.33 -5.32
CA LYS A 320 -23.99 33.45 -5.42
C LYS A 320 -24.67 32.27 -4.74
N PRO A 321 -25.94 32.45 -4.35
CA PRO A 321 -26.72 31.37 -3.72
C PRO A 321 -27.06 30.32 -4.77
N GLU A 322 -26.36 29.19 -4.74
CA GLU A 322 -26.58 28.13 -5.72
C GLU A 322 -27.55 27.04 -5.26
N PHE A 323 -28.26 26.46 -6.23
CA PHE A 323 -29.21 25.40 -5.97
C PHE A 323 -28.75 24.17 -6.75
N THR A 324 -29.08 22.97 -6.27
CA THR A 324 -28.66 21.76 -6.95
C THR A 324 -29.47 21.56 -8.22
N ASN A 325 -28.78 21.30 -9.32
CA ASN A 325 -29.40 21.24 -10.63
C ASN A 325 -29.28 19.82 -11.18
N LEU A 326 -30.27 19.46 -11.99
CA LEU A 326 -30.32 18.13 -12.59
C LEU A 326 -29.54 18.16 -13.90
N LYS A 327 -28.28 17.70 -13.85
CA LYS A 327 -27.46 17.72 -15.06
C LYS A 327 -27.91 16.64 -16.04
N VAL A 328 -28.40 15.51 -15.55
CA VAL A 328 -28.83 14.45 -16.45
C VAL A 328 -30.04 14.89 -17.26
N TYR A 329 -30.97 15.60 -16.63
CA TYR A 329 -32.18 16.02 -17.31
C TYR A 329 -31.86 16.97 -18.46
N HIS A 330 -30.99 17.96 -18.20
CA HIS A 330 -30.63 18.91 -19.25
C HIS A 330 -29.76 18.27 -20.31
N ASP A 331 -28.86 17.36 -19.91
CA ASP A 331 -28.00 16.70 -20.89
C ASP A 331 -28.81 15.83 -21.84
N ILE A 332 -29.79 15.09 -21.32
CA ILE A 332 -30.67 14.32 -22.19
C ILE A 332 -31.57 15.24 -22.99
N LYS A 333 -31.93 16.39 -22.41
CA LYS A 333 -32.81 17.33 -23.08
C LYS A 333 -32.17 17.89 -24.36
N ASP A 334 -30.88 18.20 -24.30
CA ASP A 334 -30.22 18.74 -25.49
C ASP A 334 -30.15 17.71 -26.62
N ILE A 335 -29.68 16.51 -26.32
CA ILE A 335 -29.51 15.52 -27.37
C ILE A 335 -30.86 15.02 -27.87
N THR A 336 -31.86 14.99 -26.99
CA THR A 336 -33.19 14.51 -27.33
C THR A 336 -34.22 15.57 -26.97
N ALA A 337 -34.83 16.16 -28.00
CA ALA A 337 -35.91 17.11 -27.75
C ALA A 337 -37.20 16.40 -27.35
N ARG A 338 -37.30 15.10 -27.67
CA ARG A 338 -38.52 14.35 -27.43
C ARG A 338 -38.83 14.30 -25.94
N LYS A 339 -40.11 14.38 -25.60
CA LYS A 339 -40.50 14.61 -24.22
C LYS A 339 -40.82 13.31 -23.49
N GLU A 340 -40.99 12.22 -24.24
CA GLU A 340 -41.24 10.93 -23.59
C GLU A 340 -40.01 10.47 -22.79
N ILE A 341 -38.81 10.74 -23.30
CA ILE A 341 -37.61 10.51 -22.52
C ILE A 341 -37.55 11.47 -21.35
N ILE A 342 -37.83 12.75 -21.59
CA ILE A 342 -37.78 13.76 -20.54
C ILE A 342 -38.81 13.46 -19.46
N GLU A 343 -40.02 13.06 -19.86
CA GLU A 343 -41.08 12.81 -18.89
C GLU A 343 -40.75 11.64 -17.98
N ASN A 344 -40.20 10.56 -18.55
CA ASN A 344 -40.02 9.31 -17.82
C ASN A 344 -38.79 9.41 -16.94
N ALA A 345 -39.01 9.70 -15.66
CA ALA A 345 -37.90 9.91 -14.73
C ALA A 345 -37.08 8.64 -14.53
N GLU A 346 -37.74 7.48 -14.56
CA GLU A 346 -37.02 6.22 -14.41
C GLU A 346 -36.03 6.03 -15.55
N LEU A 347 -36.38 6.49 -16.76
CA LEU A 347 -35.45 6.40 -17.87
C LEU A 347 -34.19 7.23 -17.60
N LEU A 348 -34.34 8.44 -17.07
CA LEU A 348 -33.17 9.24 -16.73
C LEU A 348 -32.36 8.59 -15.62
N ASP A 349 -33.03 7.96 -14.65
CA ASP A 349 -32.31 7.23 -13.61
C ASP A 349 -31.45 6.12 -14.20
N GLN A 350 -32.03 5.31 -15.09
CA GLN A 350 -31.26 4.22 -15.70
C GLN A 350 -30.13 4.75 -16.57
N ILE A 351 -30.39 5.82 -17.33
CA ILE A 351 -29.34 6.39 -18.18
C ILE A 351 -28.19 6.91 -17.33
N ALA A 352 -28.50 7.60 -16.24
CA ALA A 352 -27.44 8.12 -15.36
C ALA A 352 -26.68 6.98 -14.71
N LYS A 353 -27.38 5.92 -14.32
CA LYS A 353 -26.70 4.77 -13.73
C LYS A 353 -25.75 4.13 -14.73
N ILE A 354 -26.18 3.97 -15.97
CA ILE A 354 -25.29 3.39 -16.99
C ILE A 354 -24.09 4.30 -17.23
N LEU A 355 -24.32 5.62 -17.29
CA LEU A 355 -23.22 6.54 -17.53
C LEU A 355 -22.20 6.50 -16.39
N THR A 356 -22.66 6.35 -15.15
CA THR A 356 -21.75 6.30 -14.03
C THR A 356 -21.04 4.95 -13.93
N ILE A 357 -21.75 3.86 -14.20
CA ILE A 357 -21.19 2.53 -14.01
C ILE A 357 -20.07 2.28 -15.02
N TYR A 358 -20.33 2.53 -16.30
CA TYR A 358 -19.50 2.04 -17.39
C TYR A 358 -18.51 3.10 -17.80
N GLN A 359 -17.23 2.72 -17.88
CA GLN A 359 -16.17 3.70 -18.09
C GLN A 359 -15.89 3.90 -19.58
N SER A 360 -16.18 2.90 -20.41
CA SER A 360 -15.95 3.04 -21.84
C SER A 360 -17.21 3.54 -22.54
N SER A 361 -17.01 4.26 -23.65
CA SER A 361 -18.15 4.70 -24.45
C SER A 361 -18.78 3.54 -25.21
N GLU A 362 -17.98 2.53 -25.55
CA GLU A 362 -18.53 1.36 -26.24
C GLU A 362 -19.38 0.51 -25.30
N ASP A 363 -18.99 0.42 -24.03
CA ASP A 363 -19.80 -0.29 -23.05
C ASP A 363 -21.14 0.42 -22.85
N ILE A 364 -21.09 1.75 -22.74
CA ILE A 364 -22.31 2.53 -22.49
C ILE A 364 -23.30 2.33 -23.61
N GLN A 365 -22.82 2.32 -24.86
CA GLN A 365 -23.71 2.10 -25.99
C GLN A 365 -24.34 0.71 -25.94
N GLU A 366 -23.56 -0.30 -25.58
CA GLU A 366 -24.10 -1.65 -25.47
C GLU A 366 -25.20 -1.73 -24.42
N GLU A 367 -24.98 -1.13 -23.25
CA GLU A 367 -25.99 -1.23 -22.20
C GLU A 367 -27.19 -0.34 -22.48
N LEU A 368 -26.99 0.77 -23.18
CA LEU A 368 -28.14 1.56 -23.63
C LEU A 368 -28.98 0.77 -24.62
N THR A 369 -28.34 0.02 -25.52
CA THR A 369 -29.09 -0.87 -26.39
C THR A 369 -29.81 -1.94 -25.57
N ASN A 370 -29.15 -2.46 -24.54
CA ASN A 370 -29.78 -3.46 -23.68
C ASN A 370 -31.01 -2.89 -22.95
N LEU A 371 -31.01 -1.58 -22.71
CA LEU A 371 -32.17 -0.96 -22.06
C LEU A 371 -33.43 -1.13 -22.90
N ASN A 372 -33.28 -1.23 -24.22
CA ASN A 372 -34.42 -1.29 -25.15
C ASN A 372 -35.35 -0.10 -24.95
N SER A 373 -34.78 1.08 -24.78
CA SER A 373 -35.55 2.28 -24.53
C SER A 373 -36.16 2.83 -25.81
N GLU A 374 -36.84 3.96 -25.66
CA GLU A 374 -37.55 4.57 -26.79
C GLU A 374 -36.56 5.21 -27.77
N LEU A 375 -35.53 5.88 -27.26
CA LEU A 375 -34.72 6.74 -28.10
C LEU A 375 -33.84 5.93 -29.06
N THR A 376 -33.60 6.52 -30.23
CA THR A 376 -32.91 5.83 -31.31
C THR A 376 -31.39 5.83 -31.09
N GLN A 377 -30.70 5.02 -31.91
CA GLN A 377 -29.31 4.71 -31.63
C GLN A 377 -28.41 5.94 -31.71
N GLU A 378 -28.84 6.96 -32.47
CA GLU A 378 -28.03 8.18 -32.52
C GLU A 378 -27.99 8.90 -31.18
N GLU A 379 -29.14 8.99 -30.49
CA GLU A 379 -29.12 9.56 -29.16
C GLU A 379 -28.39 8.64 -28.19
N ILE A 380 -28.37 7.34 -28.45
CA ILE A 380 -27.54 6.44 -27.67
C ILE A 380 -26.07 6.81 -27.81
N GLU A 381 -25.62 7.08 -29.04
CA GLU A 381 -24.23 7.51 -29.23
C GLU A 381 -23.96 8.84 -28.55
N GLN A 382 -24.92 9.77 -28.63
CA GLN A 382 -24.74 11.07 -28.00
C GLN A 382 -24.63 10.95 -26.49
N ILE A 383 -25.46 10.10 -25.87
CA ILE A 383 -25.33 9.82 -24.45
C ILE A 383 -23.99 9.17 -24.14
N SER A 384 -23.58 8.23 -25.00
CA SER A 384 -22.28 7.59 -24.80
C SER A 384 -21.16 8.62 -24.75
N ASN A 385 -21.28 9.69 -25.53
CA ASN A 385 -20.26 10.73 -25.52
C ASN A 385 -20.36 11.61 -24.27
N LEU A 386 -21.47 11.52 -23.53
CA LEU A 386 -21.64 12.33 -22.34
C LEU A 386 -20.62 11.96 -21.29
N LYS A 387 -20.15 12.96 -20.55
CA LYS A 387 -19.14 12.74 -19.52
C LYS A 387 -19.35 13.71 -18.38
N GLY A 388 -18.75 13.38 -17.23
CA GLY A 388 -18.97 14.11 -16.00
C GLY A 388 -19.79 13.39 -14.96
N TYR A 389 -20.10 12.11 -15.17
CA TYR A 389 -20.92 11.35 -14.24
C TYR A 389 -20.04 10.41 -13.43
N THR A 390 -19.76 10.78 -12.18
CA THR A 390 -18.99 9.94 -11.28
C THR A 390 -19.52 10.14 -9.86
N GLY A 391 -19.17 9.19 -8.99
CA GLY A 391 -19.57 9.27 -7.60
C GLY A 391 -20.94 8.69 -7.37
N THR A 392 -21.32 8.64 -6.10
CA THR A 392 -22.60 8.09 -5.69
C THR A 392 -23.24 9.00 -4.67
N HIS A 393 -24.55 9.18 -4.79
CA HIS A 393 -25.31 9.86 -3.76
C HIS A 393 -25.37 8.99 -2.51
N ASN A 394 -25.30 9.63 -1.34
CA ASN A 394 -25.20 8.87 -0.09
C ASN A 394 -26.44 8.00 0.15
N LEU A 395 -27.58 8.42 -0.38
CA LEU A 395 -28.80 7.65 -0.20
C LEU A 395 -29.01 6.67 -1.35
N SER A 396 -29.76 5.60 -1.08
CA SER A 396 -30.14 4.67 -2.12
C SER A 396 -31.32 5.21 -2.91
N LEU A 397 -31.56 4.60 -4.08
CA LEU A 397 -32.60 5.11 -4.96
C LEU A 397 -33.99 4.94 -4.35
N LYS A 398 -34.24 3.81 -3.68
CA LYS A 398 -35.54 3.60 -3.07
C LYS A 398 -35.81 4.60 -1.94
N ALA A 399 -34.80 4.87 -1.10
CA ALA A 399 -34.96 5.85 -0.05
C ALA A 399 -35.22 7.23 -0.64
N ILE A 400 -34.49 7.58 -1.70
CA ILE A 400 -34.72 8.85 -2.38
C ILE A 400 -36.15 8.92 -2.92
N ASN A 401 -36.64 7.83 -3.49
CA ASN A 401 -37.99 7.84 -4.06
C ASN A 401 -39.03 8.12 -2.97
N LEU A 402 -38.98 7.39 -1.87
CA LEU A 402 -39.94 7.64 -0.80
C LEU A 402 -39.80 9.05 -0.26
N ILE A 403 -38.56 9.50 -0.06
CA ILE A 403 -38.36 10.81 0.54
C ILE A 403 -38.88 11.92 -0.37
N LEU A 404 -38.65 11.82 -1.68
CA LEU A 404 -39.11 12.89 -2.57
C LEU A 404 -40.63 12.85 -2.70
N ASP A 405 -41.23 11.66 -2.68
CA ASP A 405 -42.68 11.58 -2.69
C ASP A 405 -43.26 12.28 -1.47
N GLU A 406 -42.55 12.21 -0.33
CA GLU A 406 -43.01 12.94 0.85
C GLU A 406 -42.65 14.42 0.78
N LEU A 407 -41.53 14.76 0.11
CA LEU A 407 -41.04 16.14 0.11
C LEU A 407 -41.87 17.02 -0.79
N TRP A 408 -42.49 16.45 -1.83
CA TRP A 408 -43.34 17.25 -2.70
C TRP A 408 -44.41 17.99 -1.91
N HIS A 409 -44.91 17.39 -0.83
CA HIS A 409 -46.02 17.99 -0.10
C HIS A 409 -45.54 18.81 1.10
N THR A 410 -44.70 18.23 1.95
CA THR A 410 -44.27 18.87 3.19
C THR A 410 -42.89 19.48 2.99
N ASN A 411 -42.65 20.61 3.65
CA ASN A 411 -41.37 21.31 3.53
C ASN A 411 -40.38 20.93 4.62
N ASP A 412 -40.55 19.77 5.25
CA ASP A 412 -39.59 19.32 6.25
C ASP A 412 -38.27 18.93 5.60
N ASN A 413 -37.18 19.12 6.34
CA ASN A 413 -35.88 18.66 5.88
C ASN A 413 -35.83 17.13 5.88
N GLN A 414 -34.71 16.60 5.39
CA GLN A 414 -34.61 15.15 5.19
C GLN A 414 -34.63 14.40 6.52
N ILE A 415 -34.00 14.95 7.55
CA ILE A 415 -33.87 14.21 8.81
C ILE A 415 -35.24 14.06 9.47
N ALA A 416 -36.08 15.10 9.41
CA ALA A 416 -37.41 15.01 9.98
C ALA A 416 -38.26 14.00 9.21
N ILE A 417 -38.13 13.98 7.89
CA ILE A 417 -38.92 13.05 7.08
C ILE A 417 -38.51 11.62 7.37
N PHE A 418 -37.20 11.38 7.54
CA PHE A 418 -36.74 10.04 7.89
C PHE A 418 -37.18 9.64 9.30
N ASN A 419 -37.16 10.58 10.25
CA ASN A 419 -37.64 10.27 11.59
C ASN A 419 -39.11 9.92 11.58
N ARG A 420 -39.90 10.64 10.79
CA ARG A 420 -41.31 10.27 10.60
C ARG A 420 -41.42 8.97 9.81
N LEU A 421 -40.42 8.67 8.97
CA LEU A 421 -40.38 7.36 8.32
C LEU A 421 -39.86 6.30 9.28
N LYS A 422 -39.41 6.72 10.47
CA LYS A 422 -39.07 5.90 11.65
C LYS A 422 -37.97 4.86 11.44
N LEU A 423 -37.12 5.00 10.43
CA LEU A 423 -35.99 4.09 10.31
C LEU A 423 -35.08 4.22 11.54
N VAL A 424 -34.99 3.15 12.32
CA VAL A 424 -34.27 3.14 13.58
C VAL A 424 -32.96 2.39 13.36
N PRO A 425 -31.82 2.97 13.73
CA PRO A 425 -30.54 2.25 13.54
C PRO A 425 -30.49 0.97 14.36
N LYS A 426 -29.83 -0.04 13.78
CA LYS A 426 -29.67 -1.34 14.41
C LYS A 426 -28.20 -1.58 14.70
N LYS A 427 -27.90 -2.09 15.88
CA LYS A 427 -26.51 -2.31 16.26
C LYS A 427 -26.00 -3.61 15.64
N VAL A 428 -24.85 -3.50 14.97
CA VAL A 428 -24.40 -4.59 14.09
C VAL A 428 -23.87 -5.76 14.91
N ASP A 429 -23.46 -5.52 16.15
CA ASP A 429 -22.91 -6.59 16.96
C ASP A 429 -23.97 -7.63 17.28
N LEU A 430 -23.56 -8.90 17.25
CA LEU A 430 -24.51 -10.01 17.36
C LEU A 430 -24.97 -10.23 18.79
N SER A 431 -24.13 -9.91 19.77
CA SER A 431 -24.36 -10.04 21.22
C SER A 431 -24.36 -11.48 21.71
N GLN A 432 -24.28 -12.47 20.83
CA GLN A 432 -24.28 -13.86 21.25
C GLN A 432 -22.89 -14.33 21.68
N GLN A 433 -21.87 -13.50 21.49
CA GLN A 433 -20.53 -13.77 21.98
C GLN A 433 -20.31 -12.94 23.24
N LYS A 434 -19.72 -13.57 24.26
CA LYS A 434 -19.37 -12.83 25.46
C LYS A 434 -18.34 -11.75 25.16
N GLU A 435 -17.35 -12.07 24.33
CA GLU A 435 -16.34 -11.08 23.99
C GLU A 435 -16.91 -10.06 23.01
N ILE A 436 -16.32 -8.87 23.01
CA ILE A 436 -16.68 -7.87 22.00
C ILE A 436 -16.27 -8.40 20.63
N PRO A 437 -17.14 -8.44 19.64
CA PRO A 437 -16.73 -8.91 18.31
C PRO A 437 -15.64 -8.01 17.74
N THR A 438 -14.60 -8.64 17.18
CA THR A 438 -13.49 -7.88 16.65
C THR A 438 -13.77 -7.44 15.22
N THR A 439 -14.85 -7.95 14.63
CA THR A 439 -15.17 -7.62 13.24
C THR A 439 -15.68 -6.18 13.12
N LEU A 440 -16.14 -5.59 14.22
CA LEU A 440 -16.66 -4.24 14.16
C LEU A 440 -15.57 -3.22 13.84
N VAL A 441 -14.38 -3.41 14.40
CA VAL A 441 -13.26 -2.54 14.07
C VAL A 441 -12.94 -2.62 12.59
N ASP A 442 -12.98 -3.82 12.02
CA ASP A 442 -12.81 -3.97 10.58
C ASP A 442 -13.93 -3.27 9.83
N ASP A 443 -15.14 -3.27 10.39
CA ASP A 443 -16.27 -2.59 9.75
C ASP A 443 -16.02 -1.09 9.65
N PHE A 444 -15.54 -0.47 10.72
CA PHE A 444 -15.25 0.95 10.68
C PHE A 444 -14.02 1.22 9.81
N ILE A 445 -14.02 2.39 9.14
CA ILE A 445 -12.89 2.75 8.30
C ILE A 445 -11.89 3.56 9.12
N LEU A 446 -10.66 3.06 9.19
CA LEU A 446 -9.61 3.69 9.99
C LEU A 446 -8.31 3.67 9.21
N SER A 447 -7.34 4.41 9.74
CA SER A 447 -5.96 4.23 9.31
C SER A 447 -5.49 2.84 9.74
N PRO A 448 -4.58 2.20 9.00
CA PRO A 448 -4.09 0.88 9.43
C PRO A 448 -3.53 0.88 10.84
N VAL A 449 -2.81 1.93 11.24
CA VAL A 449 -2.23 1.97 12.58
C VAL A 449 -3.35 2.00 13.62
N VAL A 450 -4.38 2.81 13.38
CA VAL A 450 -5.49 2.94 14.33
C VAL A 450 -6.31 1.66 14.34
N LYS A 451 -6.45 1.02 13.18
CA LYS A 451 -7.21 -0.22 13.11
C LYS A 451 -6.54 -1.32 13.92
N ARG A 452 -5.22 -1.48 13.76
CA ARG A 452 -4.52 -2.49 14.56
C ARG A 452 -4.56 -2.16 16.04
N SER A 453 -4.39 -0.88 16.39
CA SER A 453 -4.47 -0.49 17.79
C SER A 453 -5.85 -0.80 18.37
N PHE A 454 -6.90 -0.58 17.59
CA PHE A 454 -8.25 -0.86 18.07
C PHE A 454 -8.48 -2.36 18.23
N ILE A 455 -7.94 -3.17 17.33
CA ILE A 455 -8.09 -4.62 17.49
C ILE A 455 -7.39 -5.08 18.77
N GLN A 456 -6.16 -4.61 19.00
CA GLN A 456 -5.46 -4.97 20.22
C GLN A 456 -6.21 -4.49 21.45
N SER A 457 -6.78 -3.27 21.39
CA SER A 457 -7.51 -2.73 22.52
C SER A 457 -8.77 -3.53 22.80
N ILE A 458 -9.47 -3.98 21.76
CA ILE A 458 -10.66 -4.80 21.94
C ILE A 458 -10.31 -6.10 22.62
N LYS A 459 -9.24 -6.76 22.18
CA LYS A 459 -8.85 -8.01 22.84
C LYS A 459 -8.38 -7.77 24.27
N VAL A 460 -7.75 -6.64 24.53
CA VAL A 460 -7.35 -6.30 25.89
C VAL A 460 -8.58 -6.14 26.77
N ILE A 461 -9.61 -5.45 26.26
CA ILE A 461 -10.85 -5.30 27.00
C ILE A 461 -11.47 -6.66 27.28
N ASN A 462 -11.47 -7.54 26.28
CA ASN A 462 -12.04 -8.87 26.48
C ASN A 462 -11.31 -9.62 27.58
N ALA A 463 -9.98 -9.59 27.55
CA ALA A 463 -9.18 -10.30 28.54
C ALA A 463 -9.43 -9.75 29.93
N ILE A 464 -9.51 -8.43 30.06
CA ILE A 464 -9.75 -7.84 31.38
C ILE A 464 -11.12 -8.23 31.90
N ILE A 465 -12.14 -8.21 31.04
CA ILE A 465 -13.49 -8.57 31.48
C ILE A 465 -13.53 -10.04 31.91
N LYS A 466 -12.85 -10.91 31.16
CA LYS A 466 -12.82 -12.32 31.54
C LYS A 466 -12.08 -12.53 32.86
N LYS A 467 -10.94 -11.86 33.04
CA LYS A 467 -10.11 -12.12 34.21
C LYS A 467 -10.72 -11.53 35.48
N TYR A 468 -11.19 -10.29 35.43
CA TYR A 468 -11.62 -9.56 36.62
C TYR A 468 -13.14 -9.43 36.73
N GLY A 469 -13.82 -9.16 35.64
CA GLY A 469 -15.25 -8.98 35.67
C GLY A 469 -15.65 -7.76 34.85
N LEU A 470 -16.96 -7.55 34.78
CA LEU A 470 -17.48 -6.47 33.97
C LEU A 470 -17.06 -5.12 34.55
N PRO A 471 -16.44 -4.24 33.75
CA PRO A 471 -15.95 -2.98 34.30
C PRO A 471 -17.09 -2.10 34.75
N ASN A 472 -16.84 -1.29 35.78
CA ASN A 472 -17.81 -0.25 36.11
C ASN A 472 -17.75 0.86 35.07
N ASP A 473 -16.55 1.28 34.69
CA ASP A 473 -16.36 2.22 33.60
C ASP A 473 -15.19 1.77 32.73
N ILE A 474 -15.26 2.12 31.44
CA ILE A 474 -14.19 1.88 30.47
C ILE A 474 -13.81 3.23 29.89
N ILE A 475 -12.52 3.57 29.93
CA ILE A 475 -12.04 4.91 29.64
C ILE A 475 -10.91 4.81 28.64
N ILE A 476 -10.95 5.64 27.60
CA ILE A 476 -10.10 5.46 26.43
C ILE A 476 -9.40 6.77 26.08
N GLU A 477 -8.12 6.68 25.75
CA GLU A 477 -7.41 7.71 25.01
C GLU A 477 -6.99 7.18 23.65
N LEU A 478 -6.47 8.07 22.81
CA LEU A 478 -5.96 7.74 21.48
C LEU A 478 -4.88 8.72 21.07
N ALA A 479 -3.77 8.19 20.55
CA ALA A 479 -2.66 9.05 20.13
C ALA A 479 -2.85 9.53 18.70
N ARG A 480 -3.35 8.67 17.82
CA ARG A 480 -3.47 8.98 16.41
C ARG A 480 -4.91 8.83 15.94
N GLY A 481 -5.33 9.75 15.07
CA GLY A 481 -6.66 9.69 14.50
C GLY A 481 -7.61 10.76 14.98
N GLY A 482 -7.17 11.66 15.84
CA GLY A 482 -8.08 12.69 16.31
C GLY A 482 -9.18 12.12 17.18
N SER A 483 -10.24 12.90 17.32
CA SER A 483 -11.38 12.46 18.11
C SER A 483 -12.36 11.65 17.27
N TYR A 484 -12.13 11.58 15.95
CA TYR A 484 -13.06 10.86 15.09
C TYR A 484 -12.98 9.35 15.32
N ALA A 485 -11.77 8.78 15.34
CA ALA A 485 -11.62 7.36 15.56
C ALA A 485 -12.07 6.98 16.97
N THR A 486 -11.73 7.83 17.96
CA THR A 486 -12.20 7.61 19.32
C THR A 486 -13.70 7.45 19.36
N ARG A 487 -14.43 8.34 18.69
CA ARG A 487 -15.89 8.28 18.74
C ARG A 487 -16.42 7.03 18.06
N GLY A 488 -15.74 6.56 17.02
CA GLY A 488 -16.10 5.27 16.44
C GLY A 488 -15.91 4.11 17.41
N LEU A 489 -14.79 4.13 18.14
CA LEU A 489 -14.56 3.08 19.13
C LEU A 489 -15.63 3.10 20.22
N MET A 490 -16.00 4.28 20.70
CA MET A 490 -17.03 4.34 21.73
C MET A 490 -18.40 4.00 21.17
N ASN A 491 -18.68 4.35 19.91
CA ASN A 491 -19.93 3.88 19.32
C ASN A 491 -19.99 2.36 19.30
N LEU A 492 -18.88 1.72 18.92
CA LEU A 492 -18.80 0.26 18.99
C LEU A 492 -19.08 -0.24 20.40
N LEU A 493 -18.37 0.30 21.39
CA LEU A 493 -18.46 -0.23 22.75
C LEU A 493 -19.84 0.00 23.35
N ARG A 494 -20.39 1.20 23.16
CA ARG A 494 -21.73 1.51 23.65
C ARG A 494 -22.78 0.63 22.98
N SER A 495 -22.63 0.39 21.67
CA SER A 495 -23.57 -0.48 20.97
C SER A 495 -23.54 -1.88 21.55
N TYR A 496 -22.33 -2.43 21.76
CA TYR A 496 -22.23 -3.77 22.33
C TYR A 496 -22.82 -3.84 23.72
N PHE A 497 -22.52 -2.84 24.56
CA PHE A 497 -22.99 -2.87 25.94
C PHE A 497 -24.50 -2.70 26.01
N ARG A 498 -25.05 -1.83 25.16
CA ARG A 498 -26.49 -1.61 25.14
C ARG A 498 -27.23 -2.85 24.66
N VAL A 499 -26.82 -3.41 23.53
CA VAL A 499 -27.54 -4.55 22.98
C VAL A 499 -27.45 -5.76 23.90
N ASN A 500 -26.30 -5.95 24.56
CA ASN A 500 -26.12 -7.06 25.49
C ASN A 500 -26.69 -6.76 26.86
N ASN A 501 -27.28 -5.58 27.06
CA ASN A 501 -27.99 -5.16 28.26
C ASN A 501 -27.09 -5.10 29.50
N LEU A 502 -25.79 -5.38 29.33
CA LEU A 502 -24.82 -5.21 30.40
C LEU A 502 -24.10 -3.87 30.24
N ASP A 503 -24.90 -2.81 30.20
CA ASP A 503 -24.39 -1.50 29.82
C ASP A 503 -23.34 -1.00 30.81
N VAL A 504 -22.23 -0.50 30.27
CA VAL A 504 -21.12 0.06 31.04
C VAL A 504 -20.79 1.42 30.45
N LYS A 505 -20.56 2.40 31.32
CA LYS A 505 -20.20 3.73 30.86
C LYS A 505 -18.87 3.69 30.12
N VAL A 506 -18.82 4.29 28.94
CA VAL A 506 -17.60 4.43 28.15
C VAL A 506 -17.38 5.91 27.91
N LYS A 507 -16.28 6.43 28.45
CA LYS A 507 -15.99 7.86 28.38
C LYS A 507 -14.53 8.09 28.00
N SER A 508 -14.29 9.18 27.27
CA SER A 508 -12.95 9.59 26.85
C SER A 508 -12.62 10.89 27.56
N ILE A 509 -11.66 10.84 28.48
CA ILE A 509 -11.28 12.04 29.22
C ILE A 509 -10.66 13.05 28.27
N ASN A 510 -10.96 14.34 28.49
CA ASN A 510 -10.58 15.37 27.55
C ASN A 510 -9.07 15.59 27.54
N GLY A 511 -8.53 15.87 26.35
CA GLY A 511 -7.10 16.09 26.23
C GLY A 511 -6.60 17.24 27.07
N GLY A 512 -7.33 18.35 27.08
CA GLY A 512 -6.98 19.46 27.94
C GLY A 512 -7.09 19.10 29.41
N PHE A 513 -8.16 18.39 29.78
CA PHE A 513 -8.31 17.93 31.15
C PHE A 513 -7.26 16.89 31.50
N THR A 514 -6.89 16.04 30.55
CA THR A 514 -5.81 15.08 30.80
C THR A 514 -4.48 15.79 31.02
N SER A 515 -4.21 16.83 30.25
CA SER A 515 -3.00 17.63 30.46
C SER A 515 -3.04 18.31 31.82
N PHE A 516 -4.21 18.81 32.22
CA PHE A 516 -4.36 19.40 33.54
C PHE A 516 -4.06 18.38 34.63
N LEU A 517 -4.58 17.16 34.49
CA LEU A 517 -4.35 16.12 35.48
C LEU A 517 -2.88 15.75 35.56
N ARG A 518 -2.21 15.62 34.41
CA ARG A 518 -0.79 15.30 34.42
C ARG A 518 0.02 16.44 35.04
N ARG A 519 -0.39 17.68 34.80
CA ARG A 519 0.30 18.82 35.40
C ARG A 519 0.10 18.85 36.92
N LYS A 520 -1.09 18.45 37.37
CA LYS A 520 -1.35 18.35 38.80
C LYS A 520 -0.39 17.36 39.44
N TRP A 521 0.06 17.69 40.65
CA TRP A 521 1.04 16.88 41.37
C TRP A 521 2.31 16.72 40.55
N LYS A 522 2.91 15.53 40.56
CA LYS A 522 4.19 15.30 39.90
C LYS A 522 4.17 13.96 39.19
N PHE A 523 4.30 14.00 37.86
CA PHE A 523 4.42 12.80 37.03
C PHE A 523 5.49 13.08 35.99
N LYS A 524 6.74 12.75 36.34
CA LYS A 524 7.87 13.12 35.50
C LYS A 524 7.90 12.26 34.25
N LYS A 525 8.05 12.91 33.10
CA LYS A 525 8.18 12.24 31.82
C LYS A 525 9.59 12.48 31.30
N GLU A 526 10.33 11.40 31.07
CA GLU A 526 11.72 11.49 30.66
C GLU A 526 11.95 10.56 29.48
N ARG A 527 13.05 10.78 28.77
CA ARG A 527 13.41 9.86 27.70
C ARG A 527 13.81 8.52 28.28
N ASN A 528 13.64 7.48 27.47
CA ASN A 528 13.95 6.10 27.84
C ASN A 528 13.19 5.65 29.08
N LYS A 529 11.91 6.00 29.16
CA LYS A 529 11.08 5.54 30.28
C LYS A 529 10.77 4.06 30.16
N GLY A 530 10.56 3.58 28.94
CA GLY A 530 10.08 2.23 28.73
C GLY A 530 8.58 2.19 28.50
N TYR A 531 8.07 0.96 28.37
CA TYR A 531 6.64 0.77 28.17
C TYR A 531 5.85 1.03 29.44
N LYS A 532 6.54 0.99 30.59
CA LYS A 532 5.89 1.34 31.84
C LYS A 532 5.38 2.78 31.80
N HIS A 533 5.92 3.60 30.90
CA HIS A 533 5.37 4.92 30.65
C HIS A 533 3.94 4.83 30.11
N HIS A 534 3.70 3.95 29.13
CA HIS A 534 2.36 3.79 28.60
C HIS A 534 1.42 3.22 29.66
N ALA A 535 1.92 2.26 30.45
CA ALA A 535 1.10 1.71 31.53
C ALA A 535 0.72 2.80 32.53
N GLU A 536 1.68 3.66 32.89
CA GLU A 536 1.42 4.74 33.81
C GLU A 536 0.47 5.76 33.22
N ASP A 537 0.53 5.95 31.89
CA ASP A 537 -0.44 6.82 31.24
C ASP A 537 -1.85 6.28 31.35
N ALA A 538 -2.01 4.96 31.19
CA ALA A 538 -3.34 4.37 31.37
C ALA A 538 -3.83 4.51 32.80
N LEU A 539 -2.94 4.29 33.77
CA LEU A 539 -3.27 4.53 35.17
C LEU A 539 -3.67 5.98 35.40
N ILE A 540 -2.95 6.92 34.79
CA ILE A 540 -3.26 8.34 34.95
C ILE A 540 -4.58 8.69 34.27
N ILE A 541 -4.92 7.98 33.20
CA ILE A 541 -6.21 8.18 32.54
C ILE A 541 -7.35 7.79 33.48
N ALA A 542 -7.24 6.62 34.09
CA ALA A 542 -8.21 6.24 35.12
C ALA A 542 -8.14 7.21 36.30
N ASN A 543 -6.96 7.77 36.54
CA ASN A 543 -6.76 8.72 37.62
C ASN A 543 -7.55 10.00 37.30
N ALA A 544 -7.55 10.37 36.03
CA ALA A 544 -8.29 11.56 35.57
C ALA A 544 -9.78 11.36 35.80
N ASP A 545 -10.26 10.15 35.53
CA ASP A 545 -11.66 9.79 35.72
C ASP A 545 -12.04 9.89 37.19
N PHE A 546 -11.12 9.47 38.06
CA PHE A 546 -11.34 9.50 39.50
C PHE A 546 -11.56 10.93 39.98
N ILE A 547 -10.81 11.88 39.44
CA ILE A 547 -10.98 13.28 39.80
C ILE A 547 -12.38 13.75 39.41
N PHE A 548 -12.83 13.35 38.22
CA PHE A 548 -14.15 13.70 37.72
C PHE A 548 -15.29 13.11 38.55
N LYS A 549 -15.15 11.87 38.97
CA LYS A 549 -16.20 11.19 39.75
C LYS A 549 -15.63 10.28 40.83
N GLU A 550 -16.08 10.50 42.07
CA GLU A 550 -15.65 9.73 43.23
C GLU A 550 -16.68 9.76 44.35
N HIS A 591 -6.05 12.11 45.78
CA HIS A 591 -4.79 11.71 45.18
C HIS A 591 -3.81 11.24 46.24
N GLN A 592 -4.30 11.11 47.47
CA GLN A 592 -3.46 10.66 48.57
C GLN A 592 -3.11 9.18 48.40
N ILE A 593 -1.91 8.82 48.84
CA ILE A 593 -1.39 7.46 48.91
C ILE A 593 -1.70 6.68 47.63
N LYS A 594 -1.54 7.36 46.48
CA LYS A 594 -1.78 6.68 45.21
C LYS A 594 -0.75 5.58 44.98
N HIS A 595 -1.23 4.40 44.61
CA HIS A 595 -0.33 3.31 44.25
C HIS A 595 0.32 3.57 42.89
N ILE A 596 -0.28 4.46 42.10
CA ILE A 596 0.27 4.81 40.79
C ILE A 596 1.64 5.45 40.95
N LYS A 597 1.88 6.10 42.09
CA LYS A 597 3.19 6.69 42.34
C LYS A 597 4.28 5.63 42.39
N ASP A 598 4.00 4.49 43.04
CA ASP A 598 4.97 3.43 43.24
C ASP A 598 4.31 2.08 42.94
N PHE A 599 4.44 1.62 41.69
CA PHE A 599 3.88 0.35 41.24
C PHE A 599 4.88 -0.33 40.32
N LYS A 600 5.72 -1.19 40.87
CA LYS A 600 6.63 -2.00 40.06
C LYS A 600 6.03 -3.38 39.78
N ASP A 601 4.80 -3.37 39.30
CA ASP A 601 4.09 -4.59 38.96
C ASP A 601 3.57 -4.59 37.53
N TYR A 602 4.09 -3.72 36.67
CA TYR A 602 3.66 -3.72 35.28
C TYR A 602 4.01 -5.04 34.62
N LYS A 603 3.10 -5.52 33.79
CA LYS A 603 3.31 -6.73 33.00
C LYS A 603 3.34 -6.33 31.53
N TYR A 604 4.33 -6.82 30.81
CA TYR A 604 4.50 -6.49 29.40
C TYR A 604 4.19 -7.69 28.55
N SER A 605 3.20 -7.55 27.67
CA SER A 605 2.88 -8.55 26.68
C SER A 605 3.35 -8.04 25.32
N HIS A 606 4.11 -8.88 24.62
CA HIS A 606 4.56 -8.58 23.27
C HIS A 606 3.83 -9.46 22.29
N ARG A 607 3.33 -8.88 21.21
CA ARG A 607 2.78 -9.68 20.14
C ARG A 607 3.83 -10.60 19.57
N VAL A 608 3.44 -11.84 19.27
CA VAL A 608 4.31 -12.82 18.65
C VAL A 608 3.89 -12.96 17.19
N ASP A 609 4.86 -12.84 16.28
CA ASP A 609 4.58 -12.94 14.86
C ASP A 609 4.97 -14.32 14.33
N LYS A 610 3.97 -15.19 14.18
CA LYS A 610 4.19 -16.53 13.68
C LYS A 610 3.72 -16.66 12.23
N LYS A 611 3.36 -15.53 11.64
CA LYS A 611 2.89 -15.50 10.26
C LYS A 611 3.98 -15.93 9.28
N PRO A 612 3.71 -16.99 8.51
CA PRO A 612 4.66 -17.51 7.52
C PRO A 612 4.57 -16.74 6.20
N ASN A 613 5.41 -17.14 5.24
CA ASN A 613 5.44 -16.51 3.92
C ASN A 613 5.55 -14.99 3.94
N ARG A 614 6.68 -14.49 4.43
CA ARG A 614 6.94 -13.05 4.47
C ARG A 614 8.10 -12.78 3.54
N GLU A 615 8.77 -11.63 3.70
CA GLU A 615 9.91 -11.30 2.87
C GLU A 615 10.94 -12.39 3.12
N LEU A 616 11.29 -13.14 2.09
CA LEU A 616 12.24 -14.24 2.28
C LEU A 616 13.67 -13.75 2.24
N ILE A 617 14.02 -12.94 1.25
CA ILE A 617 15.41 -12.65 0.92
C ILE A 617 15.48 -11.28 0.29
N ASN A 618 16.65 -10.65 0.37
CA ASN A 618 16.86 -9.34 -0.24
C ASN A 618 16.86 -9.45 -1.76
N ASP A 619 16.42 -8.37 -2.43
CA ASP A 619 16.17 -8.44 -3.86
C ASP A 619 17.43 -8.18 -4.68
N THR A 620 18.50 -7.70 -4.03
CA THR A 620 19.73 -7.45 -4.75
C THR A 620 20.43 -8.75 -5.14
N LEU A 621 20.97 -8.78 -6.34
CA LEU A 621 21.73 -9.91 -6.84
C LEU A 621 23.20 -9.55 -6.86
N TYR A 622 24.03 -10.41 -6.26
CA TYR A 622 25.45 -10.18 -6.12
C TYR A 622 26.20 -11.21 -6.95
N SER A 623 27.34 -10.80 -7.49
CA SER A 623 28.26 -11.71 -8.16
C SER A 623 29.42 -12.00 -7.23
N THR A 624 29.85 -13.25 -7.21
CA THR A 624 30.97 -13.65 -6.36
C THR A 624 32.22 -13.90 -7.18
N ARG A 625 33.37 -13.90 -6.52
CA ARG A 625 34.65 -14.13 -7.18
C ARG A 625 35.62 -14.89 -6.28
N LYS A 626 36.19 -15.97 -6.81
CA LYS A 626 37.14 -16.77 -6.06
C LYS A 626 38.48 -16.07 -5.90
N ASP A 627 38.96 -15.99 -4.67
CA ASP A 627 40.24 -15.34 -4.38
C ASP A 627 41.40 -16.31 -4.54
N ASP A 628 42.62 -15.79 -4.39
CA ASP A 628 43.82 -16.60 -4.51
C ASP A 628 43.82 -17.76 -3.51
N LYS A 629 43.52 -17.44 -2.25
CA LYS A 629 43.49 -18.44 -1.19
C LYS A 629 42.56 -19.60 -1.56
N GLY A 630 41.32 -19.28 -1.92
CA GLY A 630 40.35 -20.29 -2.30
C GLY A 630 38.99 -20.06 -1.68
N ASN A 631 38.73 -18.82 -1.25
CA ASN A 631 37.46 -18.49 -0.65
C ASN A 631 36.60 -17.67 -1.60
N THR A 632 35.30 -17.92 -1.59
CA THR A 632 34.39 -17.19 -2.47
C THR A 632 34.09 -15.82 -1.90
N LEU A 633 34.42 -14.78 -2.66
CA LEU A 633 34.29 -13.40 -2.23
C LEU A 633 33.19 -12.73 -3.05
N ILE A 634 32.26 -12.05 -2.39
CA ILE A 634 31.26 -11.30 -3.12
C ILE A 634 31.91 -10.06 -3.73
N VAL A 635 31.32 -9.57 -4.82
CA VAL A 635 31.85 -8.41 -5.53
C VAL A 635 30.89 -7.25 -5.31
N ASN A 636 31.40 -6.15 -4.77
CA ASN A 636 30.61 -4.96 -4.47
C ASN A 636 31.01 -3.84 -5.41
N ASN A 637 30.03 -3.17 -6.00
CA ASN A 637 30.31 -2.03 -6.85
C ASN A 637 30.32 -0.74 -6.03
N LEU A 638 31.23 0.15 -6.38
CA LEU A 638 31.40 1.43 -5.71
C LEU A 638 30.85 2.53 -6.61
N ASN A 639 29.69 3.06 -6.24
CA ASN A 639 28.98 4.02 -7.08
C ASN A 639 29.13 5.42 -6.53
N GLY A 640 28.71 6.40 -7.33
CA GLY A 640 28.81 7.79 -6.94
C GLY A 640 30.25 8.27 -6.78
N LEU A 641 31.10 7.94 -7.73
CA LEU A 641 32.52 8.29 -7.62
C LEU A 641 32.71 9.80 -7.55
N TYR A 642 31.96 10.55 -8.35
CA TYR A 642 32.09 12.01 -8.39
C TYR A 642 31.03 12.63 -7.49
N ASP A 643 31.21 12.41 -6.18
CA ASP A 643 30.38 13.00 -5.14
C ASP A 643 31.29 13.53 -4.05
N LYS A 644 31.08 14.79 -3.66
CA LYS A 644 31.86 15.35 -2.55
C LYS A 644 31.59 14.60 -1.25
N ASP A 645 30.34 14.24 -1.00
CA ASP A 645 29.98 13.58 0.25
C ASP A 645 30.48 12.14 0.28
N ASN A 646 30.69 11.53 -0.89
CA ASN A 646 31.11 10.14 -0.99
C ASN A 646 32.63 10.09 -1.07
N ASP A 647 33.25 9.52 -0.05
CA ASP A 647 34.70 9.40 0.00
C ASP A 647 35.12 7.96 0.29
N LYS A 648 34.44 7.02 -0.33
CA LYS A 648 34.73 5.60 -0.14
C LYS A 648 35.86 5.14 -1.06
N LEU A 649 35.85 5.61 -2.29
CA LEU A 649 36.87 5.25 -3.27
C LEU A 649 38.28 5.49 -2.75
N LYS A 650 38.48 6.61 -2.06
CA LYS A 650 39.79 6.94 -1.52
C LYS A 650 40.12 6.09 -0.31
N LYS A 651 39.14 5.83 0.55
CA LYS A 651 39.35 4.94 1.67
C LYS A 651 39.72 3.53 1.19
N LEU A 652 39.01 3.02 0.19
CA LEU A 652 39.31 1.69 -0.33
C LEU A 652 40.72 1.63 -0.90
N ILE A 653 41.19 2.72 -1.50
CA ILE A 653 42.57 2.77 -1.98
C ILE A 653 43.55 2.78 -0.82
N ASN A 654 43.22 3.50 0.25
CA ASN A 654 44.15 3.61 1.38
C ASN A 654 44.19 2.31 2.18
N LYS A 655 43.02 1.69 2.41
CA LYS A 655 43.00 0.42 3.13
C LYS A 655 43.81 -0.64 2.41
N SER A 656 43.35 -1.06 1.23
CA SER A 656 44.05 -2.05 0.44
C SER A 656 43.65 -1.86 -1.01
N PRO A 657 44.56 -1.40 -1.88
CA PRO A 657 44.19 -1.26 -3.29
C PRO A 657 43.91 -2.59 -3.99
N GLU A 658 44.36 -3.70 -3.42
CA GLU A 658 44.17 -4.99 -4.07
C GLU A 658 42.71 -5.42 -4.06
N LYS A 659 41.91 -4.84 -3.16
CA LYS A 659 40.48 -5.17 -3.14
C LYS A 659 39.81 -4.74 -4.44
N LEU A 660 40.30 -3.66 -5.05
CA LEU A 660 39.78 -3.23 -6.34
C LEU A 660 40.11 -4.27 -7.41
N LEU A 661 39.12 -4.59 -8.24
CA LEU A 661 39.33 -5.57 -9.30
C LEU A 661 40.16 -4.99 -10.43
N MET A 662 40.19 -3.66 -10.55
CA MET A 662 40.95 -3.04 -11.64
C MET A 662 42.43 -2.98 -11.32
N TYR A 663 42.79 -3.12 -10.04
CA TYR A 663 44.20 -3.27 -9.68
C TYR A 663 44.72 -4.61 -10.17
N HIS A 664 43.98 -5.68 -9.91
CA HIS A 664 44.38 -7.01 -10.32
C HIS A 664 44.39 -7.14 -11.84
N HIS A 665 43.38 -6.61 -12.51
CA HIS A 665 43.20 -6.77 -13.95
C HIS A 665 43.26 -5.42 -14.63
N ASP A 666 44.10 -5.32 -15.65
CA ASP A 666 44.30 -4.08 -16.40
C ASP A 666 44.73 -3.01 -15.41
N PRO A 667 45.96 -3.09 -14.89
CA PRO A 667 46.35 -2.21 -13.77
C PRO A 667 46.67 -0.79 -14.18
N GLN A 668 46.75 -0.50 -15.47
CA GLN A 668 47.26 0.80 -15.91
C GLN A 668 46.26 1.92 -15.65
N THR A 669 44.97 1.66 -15.91
CA THR A 669 43.95 2.65 -15.55
C THR A 669 43.89 2.83 -14.04
N TYR A 670 44.16 1.75 -13.29
CA TYR A 670 44.25 1.92 -11.84
C TYR A 670 45.41 2.81 -11.46
N GLN A 671 46.56 2.64 -12.11
CA GLN A 671 47.72 3.46 -11.76
C GLN A 671 47.45 4.92 -12.09
N LYS A 672 46.75 5.17 -13.19
CA LYS A 672 46.36 6.54 -13.52
C LYS A 672 45.39 7.11 -12.49
N LEU A 673 44.40 6.31 -12.08
CA LEU A 673 43.46 6.74 -11.06
C LEU A 673 44.16 7.00 -9.72
N LYS A 674 45.15 6.17 -9.39
CA LYS A 674 45.84 6.34 -8.12
C LYS A 674 46.81 7.52 -8.16
N LEU A 675 47.33 7.83 -9.34
CA LEU A 675 48.08 9.08 -9.49
C LEU A 675 47.18 10.28 -9.24
N ILE A 676 45.97 10.27 -9.82
CA ILE A 676 45.00 11.32 -9.51
C ILE A 676 44.68 11.33 -8.01
N MET A 677 44.57 10.15 -7.41
CA MET A 677 44.19 10.03 -6.01
C MET A 677 45.24 10.64 -5.08
N GLU A 678 46.50 10.25 -5.24
CA GLU A 678 47.55 10.74 -4.36
C GLU A 678 47.88 12.20 -4.67
N GLN A 679 47.64 12.64 -5.90
CA GLN A 679 47.97 14.02 -6.25
C GLN A 679 47.16 15.01 -5.42
N TYR A 680 45.87 14.72 -5.19
CA TYR A 680 45.05 15.63 -4.39
C TYR A 680 45.36 15.51 -2.91
N GLY A 681 45.42 14.28 -2.39
CA GLY A 681 45.80 14.10 -1.00
C GLY A 681 44.70 14.52 -0.05
N ASP A 682 44.91 15.66 0.60
CA ASP A 682 44.04 16.08 1.71
C ASP A 682 42.60 16.28 1.27
N GLU A 683 42.37 16.49 -0.03
CA GLU A 683 41.00 16.61 -0.52
C GLU A 683 40.24 15.31 -0.30
N LYS A 684 39.00 15.41 0.16
CA LYS A 684 38.29 14.23 0.64
C LYS A 684 37.85 13.33 -0.50
N ASN A 685 37.48 13.90 -1.65
CA ASN A 685 37.11 13.11 -2.81
C ASN A 685 37.85 13.64 -4.03
N PRO A 686 39.03 13.11 -4.35
CA PRO A 686 39.77 13.61 -5.51
C PRO A 686 39.05 13.42 -6.83
N LEU A 687 38.07 12.51 -6.89
CA LEU A 687 37.41 12.23 -8.16
C LEU A 687 36.59 13.42 -8.65
N TYR A 688 35.74 13.96 -7.76
CA TYR A 688 34.93 15.13 -8.13
C TYR A 688 35.82 16.32 -8.46
N LYS A 689 36.87 16.55 -7.68
CA LYS A 689 37.75 17.68 -7.95
C LYS A 689 38.46 17.52 -9.29
N TYR A 690 38.93 16.32 -9.60
CA TYR A 690 39.59 16.10 -10.89
C TYR A 690 38.63 16.33 -12.04
N TYR A 691 37.39 15.84 -11.90
CA TYR A 691 36.39 16.09 -12.94
C TYR A 691 36.13 17.57 -13.09
N GLU A 692 36.04 18.30 -11.97
CA GLU A 692 35.77 19.72 -12.04
C GLU A 692 36.90 20.48 -12.72
N GLU A 693 38.15 20.15 -12.40
CA GLU A 693 39.29 20.80 -13.06
C GLU A 693 39.32 20.48 -14.55
N THR A 694 39.16 19.22 -14.93
CA THR A 694 39.20 18.88 -16.35
C THR A 694 37.88 19.22 -17.03
N GLY A 695 36.79 19.28 -16.28
CA GLY A 695 35.48 19.50 -16.86
C GLY A 695 34.77 18.25 -17.29
N ASN A 696 35.44 17.10 -17.27
CA ASN A 696 34.84 15.84 -17.67
C ASN A 696 35.17 14.77 -16.63
N TYR A 697 34.28 13.78 -16.54
CA TYR A 697 34.45 12.69 -15.59
C TYR A 697 35.71 11.90 -15.89
N LEU A 698 36.08 11.03 -14.95
CA LEU A 698 37.24 10.18 -15.13
C LEU A 698 36.97 9.11 -16.18
N THR A 699 37.89 8.97 -17.13
CA THR A 699 37.76 7.97 -18.19
C THR A 699 38.83 6.90 -18.01
N LYS A 700 38.50 5.70 -18.47
CA LYS A 700 39.45 4.59 -18.39
C LYS A 700 40.64 4.88 -19.30
N TYR A 701 41.82 4.40 -18.89
CA TYR A 701 43.04 4.71 -19.61
C TYR A 701 42.95 4.29 -21.06
N SER A 702 43.36 5.18 -21.96
CA SER A 702 43.44 4.90 -23.37
C SER A 702 44.63 5.62 -23.97
N LYS A 703 45.39 4.92 -24.81
CA LYS A 703 46.45 5.57 -25.56
C LYS A 703 45.89 6.49 -26.63
N LYS A 704 44.73 6.15 -27.18
CA LYS A 704 44.08 7.01 -28.17
C LYS A 704 43.29 8.11 -27.49
N ASP A 705 43.18 8.06 -26.16
CA ASP A 705 42.38 8.95 -25.31
C ASP A 705 40.89 8.80 -25.59
N ASN A 706 40.45 7.68 -26.17
CA ASN A 706 39.04 7.45 -26.47
C ASN A 706 38.38 6.47 -25.51
N GLY A 707 39.02 6.14 -24.40
CA GLY A 707 38.51 5.17 -23.47
C GLY A 707 37.20 5.58 -22.83
N PRO A 708 36.35 4.61 -22.53
CA PRO A 708 35.05 4.92 -21.94
C PRO A 708 35.15 5.48 -20.53
N VAL A 709 34.20 6.36 -20.20
CA VAL A 709 34.13 6.91 -18.85
C VAL A 709 33.71 5.83 -17.88
N ILE A 710 34.22 5.92 -16.65
CA ILE A 710 33.90 4.93 -15.63
C ILE A 710 32.87 5.53 -14.67
N LYS A 711 31.78 4.79 -14.43
CA LYS A 711 30.75 5.27 -13.53
C LYS A 711 30.84 4.58 -12.17
N LYS A 712 31.11 3.27 -12.18
CA LYS A 712 31.22 2.49 -10.96
C LYS A 712 32.45 1.60 -11.05
N ILE A 713 32.97 1.23 -9.89
CA ILE A 713 34.16 0.39 -9.76
C ILE A 713 33.83 -0.79 -8.88
N LYS A 714 34.15 -1.99 -9.35
CA LYS A 714 34.00 -3.19 -8.54
C LYS A 714 35.19 -3.33 -7.60
N TYR A 715 34.93 -3.73 -6.36
CA TYR A 715 35.98 -4.13 -5.43
C TYR A 715 35.55 -5.42 -4.76
N TYR A 716 36.51 -6.08 -4.10
CA TYR A 716 36.23 -7.36 -3.47
C TYR A 716 35.53 -7.17 -2.13
N GLY A 717 34.43 -7.87 -1.95
CA GLY A 717 33.73 -7.82 -0.67
C GLY A 717 34.10 -8.97 0.24
N ASN A 718 33.53 -8.94 1.44
CA ASN A 718 33.79 -9.99 2.40
C ASN A 718 33.17 -11.30 1.92
N LYS A 719 33.81 -12.41 2.26
CA LYS A 719 33.32 -13.71 1.82
C LYS A 719 32.01 -14.02 2.53
N LEU A 720 31.11 -14.71 1.82
CA LEU A 720 29.78 -15.01 2.34
C LEU A 720 29.62 -16.50 2.53
N ASN A 721 29.00 -16.87 3.66
CA ASN A 721 28.63 -18.26 3.87
C ASN A 721 27.13 -18.46 3.71
N ALA A 722 26.34 -17.50 4.20
CA ALA A 722 24.88 -17.58 4.17
C ALA A 722 24.38 -16.92 2.89
N HIS A 723 23.90 -17.72 1.95
CA HIS A 723 23.51 -17.20 0.66
C HIS A 723 22.48 -18.14 0.03
N LEU A 724 21.79 -17.62 -0.97
CA LEU A 724 20.88 -18.41 -1.79
C LEU A 724 21.39 -18.38 -3.22
N ASP A 725 21.54 -19.56 -3.82
CA ASP A 725 22.12 -19.64 -5.15
C ASP A 725 21.09 -19.32 -6.21
N ILE A 726 21.42 -18.34 -7.05
CA ILE A 726 20.62 -17.99 -8.21
C ILE A 726 21.32 -18.43 -9.50
N THR A 727 22.47 -19.10 -9.40
CA THR A 727 23.29 -19.37 -10.56
C THR A 727 22.58 -20.27 -11.56
N ASP A 728 21.61 -21.06 -11.10
CA ASP A 728 20.86 -21.90 -12.02
C ASP A 728 20.02 -21.05 -12.98
N ASP A 729 19.55 -19.89 -12.53
CA ASP A 729 18.78 -19.01 -13.39
C ASP A 729 19.60 -18.52 -14.56
N TYR A 730 20.93 -18.47 -14.39
CA TYR A 730 21.84 -17.89 -15.37
C TYR A 730 22.70 -18.97 -15.96
N PRO A 731 22.38 -19.48 -17.15
CA PRO A 731 23.18 -20.57 -17.72
C PRO A 731 24.58 -20.10 -18.07
N ASN A 732 25.53 -21.03 -17.92
CA ASN A 732 26.92 -20.81 -18.34
C ASN A 732 27.56 -19.63 -17.62
N SER A 733 27.09 -19.33 -16.42
CA SER A 733 27.69 -18.28 -15.62
C SER A 733 29.04 -18.75 -15.10
N ARG A 734 30.10 -18.01 -15.40
CA ARG A 734 31.43 -18.39 -14.95
C ARG A 734 31.51 -18.37 -13.43
N ASN A 735 30.91 -17.37 -12.81
CA ASN A 735 30.99 -17.16 -11.38
C ASN A 735 29.61 -17.27 -10.77
N LYS A 736 29.55 -17.74 -9.53
CA LYS A 736 28.27 -17.98 -8.88
C LYS A 736 27.63 -16.67 -8.44
N VAL A 737 26.34 -16.52 -8.78
CA VAL A 737 25.57 -15.32 -8.47
C VAL A 737 24.54 -15.68 -7.40
N VAL A 738 24.47 -14.86 -6.35
CA VAL A 738 23.75 -15.20 -5.13
C VAL A 738 22.87 -14.02 -4.71
N LYS A 739 21.81 -14.34 -3.98
CA LYS A 739 21.13 -13.34 -3.17
C LYS A 739 21.51 -13.53 -1.71
N LEU A 740 21.38 -12.46 -0.91
CA LEU A 740 21.93 -12.45 0.43
C LEU A 740 20.86 -12.08 1.44
N SER A 741 21.21 -12.23 2.72
CA SER A 741 20.35 -11.84 3.84
C SER A 741 19.02 -12.60 3.82
N LEU A 742 19.08 -13.92 3.97
CA LEU A 742 17.86 -14.71 4.01
C LEU A 742 17.24 -14.69 5.41
N LYS A 743 15.94 -14.41 5.45
CA LYS A 743 15.20 -14.09 6.66
C LYS A 743 14.76 -15.35 7.38
N PRO A 744 14.95 -15.41 8.70
CA PRO A 744 14.56 -16.62 9.44
C PRO A 744 13.10 -16.57 9.88
N TYR A 745 12.47 -17.74 9.89
CA TYR A 745 11.09 -17.84 10.37
C TYR A 745 11.06 -18.17 11.85
N ARG A 746 11.77 -19.21 12.27
CA ARG A 746 11.85 -19.60 13.67
C ARG A 746 13.08 -20.45 13.85
N PHE A 747 13.45 -20.67 15.11
CA PHE A 747 14.57 -21.54 15.45
C PHE A 747 14.17 -22.45 16.60
N ASP A 748 14.51 -23.73 16.48
CA ASP A 748 14.16 -24.75 17.46
C ASP A 748 15.39 -25.10 18.28
N VAL A 749 15.30 -24.98 19.60
CA VAL A 749 16.41 -25.31 20.46
C VAL A 749 16.39 -26.80 20.77
N TYR A 750 17.50 -27.47 20.46
CA TYR A 750 17.66 -28.90 20.68
C TYR A 750 18.68 -29.08 21.79
N LEU A 751 18.56 -30.16 22.56
CA LEU A 751 19.54 -30.46 23.60
C LEU A 751 20.00 -31.90 23.46
N ASP A 752 21.27 -32.09 23.11
CA ASP A 752 21.87 -33.42 23.02
C ASP A 752 23.11 -33.47 23.90
N ASN A 753 23.18 -34.48 24.75
CA ASN A 753 24.36 -34.76 25.56
C ASN A 753 24.87 -33.49 26.27
N GLY A 754 23.95 -32.77 26.88
CA GLY A 754 24.33 -31.59 27.65
C GLY A 754 24.47 -30.27 26.90
N VAL A 755 25.02 -30.31 25.68
CA VAL A 755 25.19 -29.10 24.89
C VAL A 755 23.88 -28.74 24.19
N TYR A 756 23.53 -27.46 24.24
CA TYR A 756 22.32 -26.96 23.59
C TYR A 756 22.60 -26.66 22.13
N LYS A 757 21.79 -27.23 21.25
CA LYS A 757 21.87 -26.96 19.83
C LYS A 757 20.78 -25.98 19.43
N PHE A 758 20.75 -25.65 18.14
CA PHE A 758 19.91 -24.59 17.62
C PHE A 758 19.82 -24.67 16.10
N VAL A 759 18.61 -24.91 15.59
CA VAL A 759 18.35 -25.10 14.16
C VAL A 759 17.44 -23.98 13.69
N THR A 760 17.83 -23.31 12.61
CA THR A 760 17.08 -22.20 12.06
C THR A 760 16.20 -22.67 10.92
N VAL A 761 14.93 -22.28 10.97
CA VAL A 761 13.98 -22.50 9.90
C VAL A 761 13.82 -21.18 9.15
N LYS A 762 14.31 -21.12 7.92
CA LYS A 762 14.21 -19.88 7.17
C LYS A 762 12.83 -19.79 6.52
N ASN A 763 12.51 -18.57 6.04
CA ASN A 763 11.26 -18.39 5.32
C ASN A 763 11.27 -19.13 3.99
N LEU A 764 12.45 -19.52 3.51
CA LEU A 764 12.52 -20.30 2.28
C LEU A 764 12.24 -21.78 2.54
N ASP A 765 12.27 -22.20 3.80
CA ASP A 765 12.02 -23.60 4.12
C ASP A 765 10.53 -23.86 4.28
N VAL A 766 9.72 -22.81 4.34
CA VAL A 766 8.27 -22.97 4.42
C VAL A 766 7.67 -22.86 3.03
N ILE A 767 6.82 -23.81 2.68
CA ILE A 767 6.18 -23.87 1.37
C ILE A 767 4.69 -24.11 1.56
N LYS A 768 3.89 -23.59 0.64
CA LYS A 768 2.44 -23.60 0.80
C LYS A 768 1.83 -24.71 -0.07
N LYS A 769 0.92 -25.47 0.52
CA LYS A 769 0.11 -26.46 -0.17
C LYS A 769 -1.31 -26.33 0.34
N GLU A 770 -2.28 -26.62 -0.52
CA GLU A 770 -3.69 -26.76 -0.13
C GLU A 770 -4.08 -25.49 0.64
N ASN A 771 -4.58 -25.60 1.87
CA ASN A 771 -4.96 -24.46 2.68
C ASN A 771 -3.94 -24.12 3.76
N TYR A 772 -2.77 -24.75 3.76
CA TYR A 772 -1.84 -24.65 4.87
C TYR A 772 -0.41 -24.40 4.39
N TYR A 773 0.46 -24.18 5.37
CA TYR A 773 1.89 -23.99 5.17
C TYR A 773 2.62 -25.13 5.88
N GLU A 774 3.56 -25.77 5.19
CA GLU A 774 4.33 -26.85 5.77
C GLU A 774 5.81 -26.59 5.56
N VAL A 775 6.61 -26.72 6.63
CA VAL A 775 8.05 -26.55 6.49
C VAL A 775 8.61 -27.75 5.75
N ASN A 776 9.73 -27.55 5.06
CA ASN A 776 10.30 -28.60 4.24
C ASN A 776 10.97 -29.63 5.14
N SER A 777 10.57 -30.89 4.99
CA SER A 777 11.17 -31.95 5.80
C SER A 777 12.63 -32.18 5.41
N LYS A 778 12.91 -32.19 4.10
CA LYS A 778 14.29 -32.35 3.65
C LYS A 778 15.17 -31.20 4.13
N CYS A 779 14.67 -29.97 4.04
CA CYS A 779 15.46 -28.81 4.48
C CYS A 779 15.69 -28.85 5.98
N TYR A 780 14.67 -29.25 6.74
CA TYR A 780 14.83 -29.34 8.19
C TYR A 780 15.85 -30.40 8.58
N GLU A 781 15.78 -31.58 7.95
CA GLU A 781 16.76 -32.62 8.25
C GLU A 781 18.16 -32.19 7.86
N GLU A 782 18.30 -31.56 6.69
CA GLU A 782 19.61 -31.10 6.24
C GLU A 782 20.17 -30.06 7.21
N ALA A 783 19.34 -29.12 7.65
CA ALA A 783 19.80 -28.11 8.60
C ALA A 783 20.14 -28.74 9.95
N LYS A 784 19.48 -29.85 10.29
CA LYS A 784 19.83 -30.57 11.50
C LYS A 784 21.19 -31.25 11.37
N LYS A 785 21.53 -31.70 10.15
CA LYS A 785 22.83 -32.36 9.94
C LYS A 785 23.99 -31.41 10.18
N LEU A 786 23.88 -30.17 9.67
CA LEU A 786 24.98 -29.21 9.85
C LEU A 786 25.22 -28.90 11.31
N LYS A 787 24.14 -28.76 12.09
CA LYS A 787 24.30 -28.56 13.52
C LYS A 787 24.67 -29.86 14.23
N LYS A 788 24.61 -30.98 13.50
CA LYS A 788 24.97 -32.31 14.01
C LYS A 788 24.28 -32.64 15.33
N ILE A 789 22.96 -32.46 15.38
CA ILE A 789 22.17 -32.93 16.51
C ILE A 789 22.02 -34.44 16.45
N SER A 790 22.20 -35.10 17.59
CA SER A 790 22.02 -36.54 17.66
C SER A 790 20.57 -36.91 17.39
N ASN A 791 20.37 -38.15 16.94
CA ASN A 791 19.02 -38.61 16.64
C ASN A 791 18.19 -38.77 17.91
N GLN A 792 18.83 -39.11 19.03
CA GLN A 792 18.09 -39.36 20.26
C GLN A 792 17.64 -38.05 20.91
N ALA A 793 18.29 -36.94 20.59
CA ALA A 793 17.89 -35.66 21.16
C ALA A 793 16.54 -35.21 20.63
N GLU A 794 15.74 -34.61 21.49
CA GLU A 794 14.53 -33.91 21.07
C GLU A 794 14.50 -32.53 21.71
N PHE A 795 13.78 -31.63 21.06
CA PHE A 795 14.01 -30.21 21.24
C PHE A 795 13.28 -29.69 22.48
N ILE A 796 13.88 -28.68 23.10
CA ILE A 796 13.26 -28.03 24.25
C ILE A 796 12.04 -27.22 23.82
N ALA A 797 12.20 -26.39 22.79
CA ALA A 797 11.15 -25.47 22.43
C ALA A 797 11.41 -24.91 21.04
N SER A 798 10.43 -24.16 20.54
CA SER A 798 10.51 -23.50 19.26
C SER A 798 10.18 -22.02 19.44
N PHE A 799 11.00 -21.14 18.87
CA PHE A 799 10.95 -19.73 19.16
C PHE A 799 10.66 -18.91 17.89
N TYR A 800 9.56 -18.18 17.90
CA TYR A 800 9.20 -17.26 16.84
C TYR A 800 9.58 -15.84 17.23
N ASN A 801 9.36 -14.90 16.32
CA ASN A 801 9.79 -13.53 16.58
C ASN A 801 9.01 -12.96 17.76
N ASN A 802 9.74 -12.24 18.62
CA ASN A 802 9.16 -11.57 19.79
C ASN A 802 8.68 -12.57 20.83
N ASP A 803 9.25 -13.77 20.81
CA ASP A 803 8.92 -14.83 21.74
C ASP A 803 9.83 -14.72 22.95
N LEU A 804 9.31 -15.05 24.12
CA LEU A 804 10.13 -14.95 25.33
C LEU A 804 10.99 -16.19 25.50
N ILE A 805 12.26 -15.96 25.81
CA ILE A 805 13.23 -17.02 26.05
C ILE A 805 13.99 -16.68 27.32
N LYS A 806 14.30 -17.69 28.12
CA LYS A 806 15.07 -17.50 29.34
C LYS A 806 16.38 -18.26 29.21
N ILE A 807 17.46 -17.52 28.98
CA ILE A 807 18.78 -18.08 28.75
C ILE A 807 19.65 -17.79 29.96
N ASN A 808 20.11 -18.85 30.62
CA ASN A 808 20.99 -18.74 31.78
C ASN A 808 20.36 -17.89 32.88
N GLY A 809 19.05 -18.02 33.05
CA GLY A 809 18.35 -17.31 34.08
C GLY A 809 17.96 -15.89 33.76
N GLU A 810 18.26 -15.41 32.56
CA GLU A 810 17.87 -14.08 32.12
C GLU A 810 16.84 -14.21 31.01
N LEU A 811 15.75 -13.46 31.13
CA LEU A 811 14.62 -13.57 30.22
C LEU A 811 14.61 -12.37 29.28
N TYR A 812 14.70 -12.64 27.98
CA TYR A 812 14.55 -11.62 26.96
C TYR A 812 13.66 -12.16 25.86
N ARG A 813 13.07 -11.26 25.10
CA ARG A 813 12.30 -11.65 23.93
C ARG A 813 13.20 -11.71 22.70
N VAL A 814 13.01 -12.74 21.89
CA VAL A 814 13.88 -13.01 20.74
C VAL A 814 13.48 -12.07 19.62
N ILE A 815 14.48 -11.43 19.02
CA ILE A 815 14.24 -10.66 17.80
C ILE A 815 14.42 -11.54 16.58
N GLY A 816 15.47 -12.34 16.59
CA GLY A 816 15.77 -13.25 15.49
C GLY A 816 17.17 -13.79 15.59
N VAL A 817 17.43 -14.86 14.87
CA VAL A 817 18.76 -15.46 14.88
C VAL A 817 19.73 -14.60 14.07
N ASN A 818 20.69 -14.01 14.76
CA ASN A 818 21.68 -13.16 14.11
C ASN A 818 22.52 -13.95 13.11
N ASN A 819 23.15 -15.00 13.61
CA ASN A 819 23.99 -15.86 12.77
C ASN A 819 23.64 -17.33 12.98
N ASP A 820 23.25 -17.99 11.91
CA ASP A 820 22.90 -19.41 11.97
C ASP A 820 24.13 -20.27 12.20
N LEU A 821 25.22 -19.92 11.51
CA LEU A 821 26.47 -20.67 11.63
C LEU A 821 27.25 -20.30 12.88
N LEU A 822 27.16 -19.03 13.29
CA LEU A 822 27.88 -18.57 14.46
C LEU A 822 27.09 -18.80 15.74
N ASN A 823 25.94 -19.46 15.60
CA ASN A 823 25.08 -19.84 16.72
C ASN A 823 24.68 -18.67 17.61
N ARG A 824 24.44 -17.50 17.06
CA ARG A 824 24.02 -16.35 17.86
C ARG A 824 22.64 -15.89 17.44
N ILE A 825 21.88 -15.40 18.40
CA ILE A 825 20.51 -14.94 18.19
C ILE A 825 20.38 -13.54 18.75
N GLU A 826 19.65 -12.68 18.05
CA GLU A 826 19.40 -11.35 18.56
C GLU A 826 18.20 -11.35 19.49
N VAL A 827 18.37 -10.71 20.65
CA VAL A 827 17.33 -10.63 21.66
C VAL A 827 17.15 -9.17 22.06
N ASN A 828 16.14 -8.91 22.89
CA ASN A 828 15.89 -7.58 23.42
C ASN A 828 15.23 -7.71 24.78
N MET A 829 15.48 -6.74 25.66
CA MET A 829 14.88 -6.78 26.98
C MET A 829 13.38 -6.49 26.91
N ILE A 830 12.62 -7.18 27.76
CA ILE A 830 11.16 -7.12 27.66
C ILE A 830 10.63 -5.80 28.20
N ASP A 831 11.18 -5.32 29.31
CA ASP A 831 10.60 -4.17 29.99
C ASP A 831 10.94 -2.87 29.31
N ILE A 832 12.16 -2.76 28.76
CA ILE A 832 12.60 -1.55 28.08
C ILE A 832 13.44 -1.99 26.89
N THR A 833 13.32 -1.26 25.79
CA THR A 833 14.14 -1.57 24.63
C THR A 833 15.61 -1.33 24.97
N TYR A 834 16.48 -2.12 24.36
CA TYR A 834 17.89 -2.10 24.75
C TYR A 834 18.53 -0.75 24.43
N ARG A 835 18.09 -0.13 23.34
CA ARG A 835 18.64 1.18 22.96
C ARG A 835 18.36 2.23 24.02
N GLU A 836 17.11 2.27 24.52
CA GLU A 836 16.76 3.23 25.56
C GLU A 836 17.51 2.96 26.86
N TYR A 837 17.65 1.68 27.20
CA TYR A 837 18.37 1.31 28.42
C TYR A 837 19.84 1.70 28.33
N LEU A 838 20.45 1.55 27.16
CA LEU A 838 21.84 1.97 26.98
C LEU A 838 21.95 3.49 26.99
N GLU A 839 20.97 4.18 26.40
CA GLU A 839 20.99 5.63 26.42
C GLU A 839 20.93 6.16 27.85
N ASN A 840 20.11 5.53 28.70
CA ASN A 840 20.18 5.83 30.13
C ASN A 840 21.53 5.46 30.70
N MET A 841 22.07 4.33 30.26
CA MET A 841 23.37 3.86 30.71
C MET A 841 24.48 4.73 30.13
N ASN A 842 24.16 5.40 29.03
CA ASN A 842 25.12 6.28 28.35
C ASN A 842 26.47 5.64 28.09
N ASP A 843 26.49 4.63 27.22
CA ASP A 843 27.74 3.94 26.91
C ASP A 843 28.08 4.12 25.43
N LYS A 844 29.27 3.66 25.05
CA LYS A 844 29.72 3.78 23.66
C LYS A 844 29.28 2.57 22.84
N ARG A 845 29.17 1.42 23.50
CA ARG A 845 28.77 0.19 22.83
C ARG A 845 27.44 0.35 22.08
N PRO A 846 27.37 -0.20 20.87
CA PRO A 846 26.17 -0.14 20.03
C PRO A 846 24.98 -0.78 20.71
N PRO A 847 23.77 -0.23 20.50
CA PRO A 847 22.54 -0.76 21.10
C PRO A 847 22.08 -2.03 20.40
N ARG A 848 22.74 -3.14 20.72
CA ARG A 848 22.41 -4.43 20.13
C ARG A 848 22.96 -5.55 21.00
N ILE A 849 22.07 -6.42 21.48
CA ILE A 849 22.47 -7.53 22.33
C ILE A 849 22.33 -8.82 21.54
N ILE A 850 23.44 -9.55 21.39
CA ILE A 850 23.47 -10.82 20.69
C ILE A 850 23.90 -11.89 21.69
N LYS A 851 23.13 -12.97 21.74
CA LYS A 851 23.37 -14.07 22.67
C LYS A 851 23.78 -15.30 21.88
N THR A 852 24.73 -16.07 22.42
CA THR A 852 25.25 -17.24 21.75
C THR A 852 24.70 -18.50 22.41
N ILE A 853 24.04 -19.34 21.61
CA ILE A 853 23.58 -20.65 22.09
C ILE A 853 24.66 -21.67 21.77
N ALA A 854 25.64 -21.77 22.65
CA ALA A 854 26.80 -22.61 22.41
C ALA A 854 26.90 -23.71 23.46
N SER A 855 28.06 -24.36 23.50
CA SER A 855 28.27 -25.48 24.41
C SER A 855 28.37 -25.01 25.85
N LYS A 856 28.47 -23.69 26.07
CA LYS A 856 28.72 -23.20 27.41
C LYS A 856 27.45 -22.70 28.11
N THR A 857 26.37 -22.50 27.35
CA THR A 857 25.12 -22.08 27.96
C THR A 857 24.53 -23.19 28.82
N GLN A 858 23.95 -22.81 29.96
CA GLN A 858 23.53 -23.80 30.94
C GLN A 858 22.07 -24.22 30.73
N SER A 859 21.18 -23.27 30.43
CA SER A 859 19.77 -23.61 30.32
C SER A 859 19.12 -22.75 29.24
N ILE A 860 18.07 -23.31 28.63
CA ILE A 860 17.20 -22.60 27.71
C ILE A 860 15.76 -22.95 28.06
N LYS A 861 14.94 -21.93 28.25
CA LYS A 861 13.54 -22.10 28.62
C LYS A 861 12.66 -21.26 27.71
N LYS A 862 11.41 -21.70 27.53
CA LYS A 862 10.45 -20.98 26.72
C LYS A 862 9.32 -20.48 27.61
N TYR A 863 8.98 -19.20 27.45
CA TYR A 863 7.95 -18.55 28.24
C TYR A 863 6.94 -17.92 27.30
N SER A 864 5.68 -17.85 27.73
CA SER A 864 4.64 -17.15 27.00
C SER A 864 3.90 -16.25 27.98
N THR A 865 3.42 -15.13 27.48
CA THR A 865 2.60 -14.21 28.26
C THR A 865 1.26 -14.06 27.56
N ASP A 866 0.18 -14.02 28.32
CA ASP A 866 -1.10 -13.73 27.70
C ASP A 866 -1.19 -12.24 27.38
N ILE A 867 -2.27 -11.86 26.69
CA ILE A 867 -2.39 -10.48 26.22
C ILE A 867 -2.37 -9.51 27.39
N LEU A 868 -2.84 -9.96 28.55
CA LEU A 868 -2.87 -9.09 29.72
C LEU A 868 -1.47 -8.88 30.29
N GLY A 869 -0.56 -9.82 30.02
CA GLY A 869 0.79 -9.71 30.50
C GLY A 869 1.20 -10.74 31.53
N ASN A 870 0.31 -11.67 31.89
CA ASN A 870 0.67 -12.70 32.85
C ASN A 870 1.65 -13.67 32.23
N LEU A 871 2.76 -13.92 32.93
CA LEU A 871 3.87 -14.66 32.37
C LEU A 871 3.84 -16.10 32.87
N TYR A 872 3.91 -17.06 31.95
CA TYR A 872 3.80 -18.47 32.25
C TYR A 872 4.98 -19.24 31.64
N GLU A 873 5.54 -20.15 32.42
CA GLU A 873 6.34 -21.23 31.86
C GLU A 873 5.44 -22.18 31.08
N VAL A 874 5.83 -22.50 29.86
CA VAL A 874 4.95 -23.25 28.97
C VAL A 874 5.59 -24.57 28.57
N LYS A 875 4.73 -25.56 28.31
CA LYS A 875 5.14 -26.89 27.88
C LYS A 875 5.12 -26.93 26.36
N SER A 876 6.10 -27.61 25.77
CA SER A 876 6.19 -27.64 24.32
C SER A 876 5.61 -28.93 23.76
N LYS A 877 5.09 -28.83 22.54
CA LYS A 877 4.64 -29.98 21.77
C LYS A 877 5.87 -30.67 21.17
N LYS A 878 5.68 -31.51 20.18
CA LYS A 878 6.79 -32.19 19.51
C LYS A 878 6.77 -31.84 18.02
N HIS A 879 7.65 -30.92 17.62
CA HIS A 879 8.11 -30.66 16.26
C HIS A 879 7.02 -30.15 15.32
N PRO A 880 6.59 -28.90 15.44
CA PRO A 880 5.52 -28.38 14.57
C PRO A 880 5.99 -28.21 13.14
N GLN A 881 5.34 -28.93 12.23
CA GLN A 881 5.65 -28.84 10.81
C GLN A 881 4.50 -28.35 9.96
N ILE A 882 3.31 -28.14 10.53
CA ILE A 882 2.13 -27.65 9.83
C ILE A 882 1.61 -26.41 10.56
N ILE A 883 1.31 -25.35 9.80
CA ILE A 883 0.63 -24.17 10.32
C ILE A 883 -0.52 -23.85 9.39
N LYS A 884 -1.68 -23.58 9.97
CA LYS A 884 -2.91 -23.42 9.20
C LYS A 884 -3.03 -22.00 8.66
N LYS A 885 -3.54 -21.88 7.44
CA LYS A 885 -3.87 -20.61 6.82
C LYS A 885 -5.37 -20.53 6.60
N GLY A 886 -5.99 -19.49 7.13
CA GLY A 886 -7.44 -19.33 7.03
C GLY A 886 -8.19 -20.24 7.98
#